data_8TN2
#
_entry.id   8TN2
#
_cell.length_a   47.730
_cell.length_b   114.500
_cell.length_c   133.320
_cell.angle_alpha   90.00
_cell.angle_beta   90.00
_cell.angle_gamma   90.00
#
_symmetry.space_group_name_H-M   'P 21 21 21'
#
loop_
_entity.id
_entity.type
_entity.pdbx_description
1 polymer 'PLP-dependent aminotransferase MppQ'
2 water water
#
_entity_poly.entity_id   1
_entity_poly.type   'polypeptide(L)'
_entity_poly.pdbx_seq_one_letter_code
;MTPVAEGGLPHGSVPSLSHTRQWRPGVVQEVAPAGVLDLGPGYIEPALLPVRLLRGAYEQALAEYGAAALGYGHDPGAQP
LRDRLAARAAAADGLPCDPDQVLLTSGTSQALYLLATSLAAPGDTVLTEELCYDLGQRIFRDCSLRLRQVAMDGSGMLPD
ALDRALTEGARAGAKTAFVYLTPTHHNPTGHTMPLARRRLLLEVAARHDVLIVEDDAYTELSLIPDRTPPPSLAALAGYR
RVVRLCSFS(LLP)TLGPGLRLGWLLADRELAGRLATHGLFVSGGSLNHTTSLAVSTLLASGAYDRHLDAFRAQLRARRD
ALVGALRAMLDDGVELRTPEGGFFLWLRAGDGADERELLDGAARAGVRIAAGSRFGTTQGAGLRLAFSFNPPALLEQAAK
RLTTAWSGSTPDLEIGVRS
;
_entity_poly.pdbx_strand_id   A,B
#
# COMPACT_ATOMS: atom_id res chain seq x y z
N PRO A 15 23.23 -21.49 11.39
CA PRO A 15 22.66 -20.36 12.15
C PRO A 15 21.38 -19.85 11.51
N SER A 16 20.28 -19.88 12.26
CA SER A 16 19.00 -19.46 11.69
C SER A 16 18.98 -17.96 11.41
N LEU A 17 18.47 -17.58 10.25
CA LEU A 17 18.28 -16.18 9.93
C LEU A 17 17.05 -15.58 10.62
N SER A 18 16.24 -16.39 11.28
CA SER A 18 15.00 -15.89 11.89
C SER A 18 15.25 -15.42 13.33
N HIS A 19 16.28 -14.59 13.50
CA HIS A 19 16.70 -14.14 14.83
C HIS A 19 15.87 -12.95 15.28
N THR A 20 15.98 -12.65 16.59
CA THR A 20 15.18 -11.59 17.20
C THR A 20 16.02 -10.43 17.69
N ARG A 21 17.23 -10.24 17.15
CA ARG A 21 18.09 -9.16 17.61
C ARG A 21 17.50 -7.78 17.32
N GLN A 22 16.62 -7.66 16.34
CA GLN A 22 15.96 -6.39 16.03
C GLN A 22 14.47 -6.44 16.29
N TRP A 23 14.01 -7.41 17.09
CA TRP A 23 12.59 -7.54 17.38
C TRP A 23 12.28 -6.61 18.57
N ARG A 24 12.23 -5.33 18.26
CA ARG A 24 12.21 -4.30 19.28
C ARG A 24 11.24 -3.18 18.90
N PRO A 25 10.76 -2.41 19.88
CA PRO A 25 9.93 -1.25 19.57
C PRO A 25 10.63 -0.32 18.60
N GLY A 26 9.85 0.27 17.70
CA GLY A 26 10.39 1.12 16.68
C GLY A 26 10.80 0.39 15.42
N VAL A 27 10.97 -0.93 15.48
CA VAL A 27 11.19 -1.75 14.30
C VAL A 27 9.95 -2.55 13.96
N VAL A 28 9.49 -3.39 14.90
CA VAL A 28 8.27 -4.15 14.70
C VAL A 28 7.10 -3.37 15.29
N GLN A 29 5.89 -3.83 14.97
CA GLN A 29 4.70 -3.07 15.28
C GLN A 29 4.52 -2.88 16.79
N GLU A 30 4.68 -3.96 17.55
CA GLU A 30 4.51 -3.86 18.99
C GLU A 30 5.28 -5.00 19.66
N VAL A 31 5.74 -4.73 20.86
CA VAL A 31 6.40 -5.75 21.67
C VAL A 31 5.81 -5.64 23.07
N ALA A 32 5.34 -6.77 23.59
CA ALA A 32 4.77 -6.81 24.93
C ALA A 32 5.83 -6.45 25.97
N PRO A 33 5.40 -5.98 27.15
CA PRO A 33 6.36 -5.68 28.20
C PRO A 33 7.23 -6.88 28.53
N ALA A 34 8.46 -6.60 28.97
CA ALA A 34 9.37 -7.67 29.35
C ALA A 34 8.76 -8.55 30.44
N GLY A 35 8.96 -9.85 30.30
CA GLY A 35 8.49 -10.82 31.26
C GLY A 35 7.08 -11.32 31.05
N VAL A 36 6.36 -10.75 30.10
CA VAL A 36 4.99 -11.16 29.78
C VAL A 36 5.04 -12.25 28.72
N LEU A 37 4.40 -13.38 29.00
CA LEU A 37 4.17 -14.39 27.99
C LEU A 37 3.02 -13.93 27.10
N ASP A 38 3.30 -13.67 25.82
CA ASP A 38 2.40 -12.88 25.00
C ASP A 38 1.57 -13.77 24.10
N LEU A 39 0.35 -14.07 24.56
CA LEU A 39 -0.66 -14.77 23.77
C LEU A 39 -1.72 -13.80 23.21
N GLY A 40 -1.36 -12.53 23.05
CA GLY A 40 -2.28 -11.52 22.59
C GLY A 40 -2.42 -11.44 21.09
N PRO A 41 -1.41 -10.88 20.43
CA PRO A 41 -1.51 -10.66 18.97
C PRO A 41 -1.38 -11.95 18.18
N GLY A 42 -2.10 -12.00 17.09
CA GLY A 42 -2.00 -13.10 16.14
C GLY A 42 -0.79 -12.91 15.24
N TYR A 43 0.38 -12.91 15.84
CA TYR A 43 1.65 -12.76 15.16
C TYR A 43 2.26 -14.15 14.95
N ILE A 44 3.09 -14.26 13.91
CA ILE A 44 3.85 -15.49 13.71
C ILE A 44 5.10 -15.45 14.58
N GLU A 45 5.31 -16.53 15.33
CA GLU A 45 6.51 -16.69 16.15
C GLU A 45 7.74 -16.32 15.33
N PRO A 46 8.61 -15.45 15.83
CA PRO A 46 9.74 -14.99 14.97
C PRO A 46 10.54 -16.13 14.38
N ALA A 47 10.84 -17.15 15.19
CA ALA A 47 11.62 -18.28 14.72
C ALA A 47 10.97 -18.99 13.54
N LEU A 48 9.65 -18.88 13.39
CA LEU A 48 8.96 -19.54 12.31
C LEU A 48 8.83 -18.69 11.05
N LEU A 49 9.14 -17.43 11.13
CA LEU A 49 9.09 -16.57 9.96
C LEU A 49 10.16 -17.02 8.95
N PRO A 50 9.79 -17.23 7.69
CA PRO A 50 10.73 -17.87 6.74
C PRO A 50 11.70 -16.88 6.11
N VAL A 51 12.58 -16.34 6.95
CA VAL A 51 13.49 -15.28 6.52
C VAL A 51 14.42 -15.80 5.42
N ARG A 52 15.04 -16.95 5.66
CA ARG A 52 15.97 -17.49 4.65
C ARG A 52 15.24 -17.73 3.34
N LEU A 53 14.01 -18.23 3.41
CA LEU A 53 13.24 -18.51 2.21
C LEU A 53 13.01 -17.25 1.40
N LEU A 54 12.62 -16.16 2.07
CA LEU A 54 12.40 -14.90 1.37
C LEU A 54 13.71 -14.32 0.83
N ARG A 55 14.82 -14.50 1.54
CA ARG A 55 16.09 -14.01 1.02
C ARG A 55 16.40 -14.64 -0.34
N GLY A 56 16.24 -15.95 -0.43
CA GLY A 56 16.46 -16.60 -1.70
C GLY A 56 15.48 -16.19 -2.76
N ALA A 57 14.25 -15.85 -2.35
CA ALA A 57 13.24 -15.42 -3.30
C ALA A 57 13.56 -14.06 -3.88
N TYR A 58 14.01 -13.10 -3.06
CA TYR A 58 14.44 -11.82 -3.61
C TYR A 58 15.62 -12.01 -4.53
N GLU A 59 16.58 -12.84 -4.11
CA GLU A 59 17.76 -13.07 -4.93
C GLU A 59 17.37 -13.63 -6.29
N GLN A 60 16.47 -14.63 -6.30
CA GLN A 60 16.08 -15.26 -7.58
C GLN A 60 15.25 -14.30 -8.42
N ALA A 61 14.29 -13.62 -7.80
CA ALA A 61 13.40 -12.75 -8.57
C ALA A 61 14.17 -11.62 -9.22
N LEU A 62 15.08 -11.00 -8.49
CA LEU A 62 15.84 -9.89 -9.05
C LEU A 62 16.76 -10.37 -10.16
N ALA A 63 17.34 -11.56 -10.01
CA ALA A 63 18.22 -12.07 -11.06
C ALA A 63 17.45 -12.46 -12.31
N GLU A 64 16.27 -13.07 -12.14
N GLU A 64 16.29 -13.07 -12.13
CA GLU A 64 15.55 -13.60 -13.29
CA GLU A 64 15.54 -13.60 -13.27
C GLU A 64 14.59 -12.61 -13.93
C GLU A 64 14.67 -12.53 -13.94
N TYR A 65 14.01 -11.69 -13.15
CA TYR A 65 13.20 -10.61 -13.72
C TYR A 65 14.03 -9.38 -14.05
N GLY A 66 15.23 -9.24 -13.48
CA GLY A 66 16.11 -8.15 -13.83
C GLY A 66 15.47 -6.79 -13.65
N ALA A 67 15.69 -5.92 -14.64
CA ALA A 67 15.19 -4.54 -14.53
C ALA A 67 13.69 -4.50 -14.35
N ALA A 68 12.96 -5.45 -14.90
CA ALA A 68 11.49 -5.46 -14.78
C ALA A 68 11.04 -5.58 -13.32
N ALA A 69 11.91 -6.06 -12.42
CA ALA A 69 11.54 -6.18 -11.01
C ALA A 69 11.54 -4.83 -10.31
N LEU A 70 12.23 -3.82 -10.87
CA LEU A 70 12.29 -2.49 -10.27
C LEU A 70 11.52 -1.43 -11.06
N GLY A 71 11.06 -1.73 -12.28
CA GLY A 71 10.18 -0.78 -12.96
C GLY A 71 8.77 -0.79 -12.38
N TYR A 72 7.95 0.18 -12.81
CA TYR A 72 6.54 0.14 -12.51
C TYR A 72 5.97 -1.21 -12.96
N GLY A 73 5.19 -1.85 -12.09
CA GLY A 73 4.59 -3.13 -12.40
C GLY A 73 3.25 -3.00 -13.09
N HIS A 74 2.94 -4.00 -13.92
CA HIS A 74 1.61 -4.18 -14.50
C HIS A 74 0.54 -3.88 -13.47
N ASP A 75 -0.36 -2.95 -13.82
CA ASP A 75 -1.27 -2.35 -12.84
C ASP A 75 -1.99 -3.35 -11.94
N PRO A 76 -2.66 -4.39 -12.46
CA PRO A 76 -3.36 -5.32 -11.55
C PRO A 76 -2.45 -6.30 -10.86
N GLY A 77 -1.14 -6.24 -11.12
CA GLY A 77 -0.18 -7.21 -10.62
C GLY A 77 0.42 -8.02 -11.75
N ALA A 78 1.68 -8.41 -11.57
CA ALA A 78 2.39 -9.17 -12.59
C ALA A 78 1.61 -10.43 -12.97
N GLN A 79 1.55 -10.70 -14.28
CA GLN A 79 0.73 -11.79 -14.77
C GLN A 79 1.07 -13.14 -14.16
N PRO A 80 2.33 -13.50 -13.96
CA PRO A 80 2.60 -14.83 -13.36
C PRO A 80 1.92 -15.03 -12.03
N LEU A 81 1.86 -13.98 -11.21
CA LEU A 81 1.18 -14.11 -9.92
C LEU A 81 -0.32 -14.19 -10.10
N ARG A 82 -0.89 -13.35 -10.99
CA ARG A 82 -2.32 -13.42 -11.28
C ARG A 82 -2.69 -14.83 -11.73
N ASP A 83 -1.91 -15.40 -12.64
CA ASP A 83 -2.19 -16.74 -13.16
C ASP A 83 -2.19 -17.78 -12.04
N ARG A 84 -1.15 -17.78 -11.20
CA ARG A 84 -1.03 -18.84 -10.20
C ARG A 84 -2.01 -18.65 -9.06
N LEU A 85 -2.28 -17.39 -8.67
CA LEU A 85 -3.27 -17.18 -7.61
C LEU A 85 -4.67 -17.59 -8.05
N ALA A 86 -5.03 -17.34 -9.31
CA ALA A 86 -6.32 -17.81 -9.81
C ALA A 86 -6.39 -19.33 -9.81
N ALA A 87 -5.30 -19.99 -10.21
CA ALA A 87 -5.27 -21.44 -10.23
C ALA A 87 -5.36 -22.02 -8.81
N ARG A 88 -4.74 -21.35 -7.83
CA ARG A 88 -4.83 -21.84 -6.45
C ARG A 88 -6.23 -21.65 -5.89
N ALA A 89 -6.85 -20.51 -6.15
CA ALA A 89 -8.24 -20.31 -5.76
C ALA A 89 -9.14 -21.37 -6.37
N ALA A 90 -9.00 -21.61 -7.66
CA ALA A 90 -9.81 -22.61 -8.31
C ALA A 90 -9.63 -23.99 -7.69
N ALA A 91 -8.38 -24.36 -7.42
CA ALA A 91 -8.11 -25.68 -6.84
C ALA A 91 -8.74 -25.79 -5.45
N ALA A 92 -8.64 -24.72 -4.67
CA ALA A 92 -9.18 -24.73 -3.31
C ALA A 92 -10.69 -24.80 -3.31
N ASP A 93 -11.35 -24.05 -4.20
CA ASP A 93 -12.81 -24.01 -4.25
C ASP A 93 -13.40 -25.17 -5.02
N GLY A 94 -12.61 -25.82 -5.88
CA GLY A 94 -13.15 -26.74 -6.84
C GLY A 94 -14.04 -26.08 -7.88
N LEU A 95 -13.86 -24.78 -8.09
CA LEU A 95 -14.71 -23.99 -8.97
C LEU A 95 -13.83 -22.99 -9.71
N PRO A 96 -14.17 -22.65 -10.95
CA PRO A 96 -13.23 -21.88 -11.78
C PRO A 96 -12.93 -20.50 -11.22
N CYS A 97 -11.72 -20.04 -11.52
CA CYS A 97 -11.30 -18.67 -11.26
C CYS A 97 -10.32 -18.29 -12.36
N ASP A 98 -10.60 -17.18 -13.09
CA ASP A 98 -9.72 -16.74 -14.16
C ASP A 98 -8.72 -15.70 -13.67
N PRO A 99 -7.54 -15.63 -14.30
CA PRO A 99 -6.56 -14.62 -13.88
C PRO A 99 -7.09 -13.19 -13.93
N ASP A 100 -8.02 -12.86 -14.84
CA ASP A 100 -8.53 -11.49 -14.90
C ASP A 100 -9.42 -11.14 -13.72
N GLN A 101 -9.68 -12.10 -12.82
CA GLN A 101 -10.41 -11.85 -11.60
C GLN A 101 -9.50 -11.45 -10.43
N VAL A 102 -8.19 -11.49 -10.60
CA VAL A 102 -7.22 -11.27 -9.53
C VAL A 102 -6.61 -9.88 -9.63
N LEU A 103 -6.53 -9.21 -8.49
CA LEU A 103 -5.84 -7.92 -8.34
C LEU A 103 -4.89 -8.03 -7.16
N LEU A 104 -3.61 -7.71 -7.37
CA LEU A 104 -2.68 -7.70 -6.24
C LEU A 104 -2.91 -6.48 -5.35
N THR A 105 -2.66 -6.68 -4.05
CA THR A 105 -2.79 -5.64 -3.05
C THR A 105 -1.48 -5.56 -2.28
N SER A 106 -1.31 -4.46 -1.53
CA SER A 106 -0.22 -4.35 -0.57
C SER A 106 -0.64 -4.78 0.83
N GLY A 107 -1.50 -5.79 0.91
CA GLY A 107 -2.00 -6.34 2.14
C GLY A 107 -3.49 -6.09 2.27
N THR A 108 -4.15 -6.96 3.04
CA THR A 108 -5.60 -6.81 3.19
C THR A 108 -5.98 -5.53 3.89
N SER A 109 -5.11 -5.01 4.77
CA SER A 109 -5.39 -3.72 5.41
C SER A 109 -5.58 -2.64 4.35
N GLN A 110 -4.66 -2.57 3.38
N GLN A 110 -4.67 -2.58 3.39
CA GLN A 110 -4.80 -1.59 2.31
CA GLN A 110 -4.79 -1.61 2.30
C GLN A 110 -6.02 -1.91 1.44
C GLN A 110 -6.00 -1.91 1.43
N ALA A 111 -6.28 -3.19 1.18
CA ALA A 111 -7.43 -3.55 0.36
C ALA A 111 -8.72 -3.10 1.04
N LEU A 112 -8.82 -3.30 2.35
CA LEU A 112 -10.03 -2.85 3.07
C LEU A 112 -10.16 -1.33 3.00
N TYR A 113 -9.04 -0.61 3.13
CA TYR A 113 -9.08 0.84 3.03
C TYR A 113 -9.59 1.26 1.64
N LEU A 114 -9.08 0.61 0.58
CA LEU A 114 -9.54 0.88 -0.77
C LEU A 114 -11.03 0.64 -0.92
N LEU A 115 -11.53 -0.52 -0.45
CA LEU A 115 -12.93 -0.83 -0.63
C LEU A 115 -13.79 0.11 0.20
N ALA A 116 -13.32 0.46 1.41
CA ALA A 116 -14.09 1.31 2.29
C ALA A 116 -14.14 2.75 1.80
N THR A 117 -13.28 3.14 0.86
CA THR A 117 -13.31 4.50 0.34
C THR A 117 -13.73 4.59 -1.12
N SER A 118 -13.74 3.48 -1.85
N SER A 118 -13.73 3.48 -1.84
CA SER A 118 -14.12 3.48 -3.26
CA SER A 118 -14.11 3.46 -3.26
C SER A 118 -15.44 2.77 -3.53
C SER A 118 -15.46 2.81 -3.49
N LEU A 119 -15.79 1.76 -2.74
CA LEU A 119 -17.07 1.08 -2.84
C LEU A 119 -17.98 1.46 -1.69
N ALA A 120 -17.60 2.47 -0.92
CA ALA A 120 -18.44 3.02 0.14
C ALA A 120 -18.09 4.50 0.25
N ALA A 121 -19.05 5.27 0.77
CA ALA A 121 -18.91 6.69 1.00
C ALA A 121 -19.13 6.99 2.47
N PRO A 122 -18.59 8.11 2.98
CA PRO A 122 -18.79 8.45 4.39
C PRO A 122 -20.25 8.44 4.76
N GLY A 123 -20.56 7.76 5.87
CA GLY A 123 -21.91 7.64 6.36
C GLY A 123 -22.57 6.32 6.00
N ASP A 124 -22.11 5.65 4.95
CA ASP A 124 -22.65 4.35 4.59
C ASP A 124 -22.44 3.35 5.72
N THR A 125 -23.31 2.36 5.78
CA THR A 125 -23.27 1.32 6.79
C THR A 125 -22.55 0.10 6.26
N VAL A 126 -21.74 -0.50 7.13
CA VAL A 126 -21.17 -1.82 6.93
C VAL A 126 -21.78 -2.73 7.98
N LEU A 127 -22.35 -3.85 7.55
CA LEU A 127 -22.88 -4.85 8.47
C LEU A 127 -21.79 -5.88 8.78
N THR A 128 -21.62 -6.20 10.06
CA THR A 128 -20.66 -7.17 10.52
C THR A 128 -21.34 -8.17 11.45
N GLU A 129 -20.65 -9.26 11.75
CA GLU A 129 -21.06 -10.14 12.82
C GLU A 129 -20.88 -9.44 14.17
N GLU A 130 -21.61 -9.93 15.18
CA GLU A 130 -21.46 -9.42 16.54
C GLU A 130 -20.01 -9.46 17.01
N LEU A 131 -19.25 -10.44 16.55
CA LEU A 131 -17.82 -10.56 16.83
C LEU A 131 -17.09 -10.65 15.51
N CYS A 132 -16.08 -9.80 15.32
CA CYS A 132 -15.29 -9.83 14.09
C CYS A 132 -14.00 -9.06 14.29
N TYR A 133 -13.15 -9.09 13.27
CA TYR A 133 -11.82 -8.48 13.29
C TYR A 133 -11.84 -7.08 13.88
N ASP A 134 -11.11 -6.90 14.98
CA ASP A 134 -11.14 -5.62 15.68
C ASP A 134 -10.47 -4.52 14.86
N LEU A 135 -9.32 -4.82 14.24
CA LEU A 135 -8.63 -3.76 13.51
C LEU A 135 -9.29 -3.49 12.17
N GLY A 136 -10.05 -4.45 11.63
CA GLY A 136 -10.89 -4.17 10.49
C GLY A 136 -12.00 -3.20 10.80
N GLN A 137 -12.67 -3.38 11.94
CA GLN A 137 -13.65 -2.39 12.37
C GLN A 137 -13.02 -1.00 12.43
N ARG A 138 -11.78 -0.92 12.94
CA ARG A 138 -11.08 0.35 13.06
C ARG A 138 -10.87 1.02 11.70
N ILE A 139 -10.49 0.24 10.69
CA ILE A 139 -10.39 0.78 9.33
C ILE A 139 -11.72 1.38 8.90
N PHE A 140 -12.80 0.63 9.04
CA PHE A 140 -14.10 1.09 8.58
C PHE A 140 -14.53 2.35 9.32
N ARG A 141 -14.38 2.36 10.65
N ARG A 141 -14.39 2.36 10.66
CA ARG A 141 -14.77 3.53 11.43
CA ARG A 141 -14.76 3.52 11.44
C ARG A 141 -13.92 4.75 11.07
C ARG A 141 -13.93 4.74 11.05
N ASP A 142 -12.62 4.55 10.83
CA ASP A 142 -11.76 5.67 10.47
C ASP A 142 -11.99 6.14 9.05
N CYS A 143 -12.63 5.33 8.22
CA CYS A 143 -13.10 5.76 6.91
C CYS A 143 -14.50 6.34 6.96
N SER A 144 -14.98 6.68 8.17
CA SER A 144 -16.25 7.37 8.37
C SER A 144 -17.45 6.50 8.01
N LEU A 145 -17.32 5.20 8.14
CA LEU A 145 -18.45 4.30 7.93
C LEU A 145 -19.13 3.97 9.25
N ARG A 146 -20.42 3.70 9.19
CA ARG A 146 -21.22 3.26 10.33
C ARG A 146 -21.21 1.73 10.40
N LEU A 147 -20.85 1.19 11.54
CA LEU A 147 -20.87 -0.25 11.75
C LEU A 147 -22.17 -0.63 12.47
N ARG A 148 -22.80 -1.69 11.99
CA ARG A 148 -23.97 -2.27 12.65
C ARG A 148 -23.74 -3.76 12.78
N GLN A 149 -23.90 -4.29 13.99
CA GLN A 149 -23.65 -5.70 14.26
C GLN A 149 -24.89 -6.54 14.01
N VAL A 150 -24.68 -7.75 13.52
CA VAL A 150 -25.72 -8.70 13.19
C VAL A 150 -25.51 -9.97 14.02
N ALA A 151 -26.59 -10.51 14.55
CA ALA A 151 -26.48 -11.67 15.43
C ALA A 151 -25.81 -12.84 14.72
N MET A 152 -25.05 -13.63 15.49
CA MET A 152 -24.31 -14.77 14.97
C MET A 152 -24.51 -15.96 15.91
N ASP A 153 -24.15 -17.14 15.44
CA ASP A 153 -24.12 -18.34 16.28
C ASP A 153 -22.76 -19.00 16.04
N GLY A 154 -22.67 -20.29 16.36
CA GLY A 154 -21.42 -21.01 16.20
C GLY A 154 -20.96 -21.15 14.76
N SER A 155 -21.83 -20.86 13.80
CA SER A 155 -21.50 -20.95 12.39
C SER A 155 -21.34 -19.58 11.74
N GLY A 156 -21.47 -18.51 12.50
CA GLY A 156 -21.32 -17.17 11.96
C GLY A 156 -22.65 -16.46 11.87
N MET A 157 -22.65 -15.40 11.05
CA MET A 157 -23.82 -14.55 10.92
C MET A 157 -25.07 -15.36 10.65
N LEU A 158 -26.19 -14.97 11.32
CA LEU A 158 -27.46 -15.64 11.13
C LEU A 158 -28.22 -15.04 9.96
N PRO A 159 -28.70 -15.84 9.02
CA PRO A 159 -29.37 -15.26 7.83
C PRO A 159 -30.60 -14.42 8.14
N ASP A 160 -31.45 -14.87 9.06
CA ASP A 160 -32.64 -14.08 9.38
C ASP A 160 -32.25 -12.73 9.97
N ALA A 161 -31.21 -12.72 10.79
CA ALA A 161 -30.78 -11.46 11.39
C ALA A 161 -30.22 -10.52 10.34
N LEU A 162 -29.47 -11.07 9.38
CA LEU A 162 -28.98 -10.25 8.26
C LEU A 162 -30.14 -9.68 7.45
N ASP A 163 -31.12 -10.53 7.12
CA ASP A 163 -32.27 -10.06 6.37
C ASP A 163 -32.96 -8.90 7.08
N ARG A 164 -33.21 -9.03 8.40
CA ARG A 164 -33.86 -7.95 9.13
C ARG A 164 -33.00 -6.69 9.13
N ALA A 165 -31.69 -6.83 9.29
CA ALA A 165 -30.82 -5.66 9.33
C ALA A 165 -30.83 -4.94 7.98
N LEU A 166 -30.77 -5.69 6.89
CA LEU A 166 -30.81 -5.05 5.57
C LEU A 166 -32.17 -4.39 5.34
N THR A 167 -33.26 -5.07 5.70
CA THR A 167 -34.59 -4.49 5.56
C THR A 167 -34.71 -3.20 6.38
N GLU A 168 -34.28 -3.24 7.64
N GLU A 168 -34.30 -3.25 7.65
CA GLU A 168 -34.36 -2.06 8.49
CA GLU A 168 -34.37 -2.05 8.48
C GLU A 168 -33.57 -0.90 7.90
C GLU A 168 -33.60 -0.90 7.86
N GLY A 169 -32.40 -1.18 7.33
CA GLY A 169 -31.63 -0.13 6.70
C GLY A 169 -32.36 0.48 5.52
N ALA A 170 -32.92 -0.38 4.67
CA ALA A 170 -33.64 0.12 3.49
C ALA A 170 -34.82 0.98 3.89
N ARG A 171 -35.64 0.49 4.82
CA ARG A 171 -36.83 1.25 5.21
C ARG A 171 -36.45 2.57 5.85
N ALA A 172 -35.25 2.68 6.40
CA ALA A 172 -34.75 3.90 6.99
C ALA A 172 -34.00 4.80 6.01
N GLY A 173 -33.80 4.37 4.77
CA GLY A 173 -33.04 5.16 3.83
C GLY A 173 -31.56 5.19 4.06
N ALA A 174 -31.03 4.25 4.83
CA ALA A 174 -29.61 4.19 5.16
C ALA A 174 -28.91 3.18 4.25
N LYS A 175 -28.00 3.67 3.41
CA LYS A 175 -27.32 2.81 2.45
C LYS A 175 -26.37 1.86 3.17
N THR A 176 -26.49 0.57 2.85
CA THR A 176 -25.54 -0.45 3.30
C THR A 176 -24.52 -0.63 2.19
N ALA A 177 -23.28 -0.28 2.45
CA ALA A 177 -22.24 -0.40 1.43
C ALA A 177 -21.86 -1.86 1.20
N PHE A 178 -21.64 -2.60 2.29
CA PHE A 178 -21.37 -4.02 2.14
C PHE A 178 -21.54 -4.72 3.46
N VAL A 179 -21.61 -6.05 3.37
CA VAL A 179 -21.58 -6.94 4.52
C VAL A 179 -20.17 -7.51 4.61
N TYR A 180 -19.54 -7.37 5.78
CA TYR A 180 -18.17 -7.83 6.00
C TYR A 180 -18.21 -9.16 6.74
N LEU A 181 -17.51 -10.16 6.19
CA LEU A 181 -17.55 -11.52 6.74
C LEU A 181 -16.16 -12.16 6.66
N THR A 182 -15.76 -12.85 7.73
CA THR A 182 -14.59 -13.73 7.75
C THR A 182 -15.10 -15.14 8.00
N PRO A 183 -15.39 -15.90 6.94
CA PRO A 183 -16.09 -17.18 7.15
C PRO A 183 -15.23 -18.35 7.57
N THR A 184 -13.90 -18.26 7.47
CA THR A 184 -13.03 -19.41 7.70
C THR A 184 -11.99 -19.08 8.75
N HIS A 185 -11.90 -19.89 9.79
CA HIS A 185 -10.96 -19.67 10.89
C HIS A 185 -11.12 -18.25 11.41
N HIS A 186 -12.36 -17.99 11.82
CA HIS A 186 -12.83 -16.64 12.18
C HIS A 186 -11.97 -16.00 13.25
N ASN A 187 -11.72 -14.72 13.07
CA ASN A 187 -11.04 -13.91 14.09
C ASN A 187 -12.11 -13.13 14.84
N PRO A 188 -12.41 -13.45 16.12
CA PRO A 188 -11.64 -14.27 17.06
C PRO A 188 -12.10 -15.66 17.42
N THR A 189 -13.25 -16.14 16.92
CA THR A 189 -13.84 -17.35 17.49
C THR A 189 -13.19 -18.63 16.98
N GLY A 190 -12.47 -18.57 15.87
CA GLY A 190 -11.92 -19.76 15.26
C GLY A 190 -12.90 -20.58 14.44
N HIS A 191 -14.18 -20.22 14.41
CA HIS A 191 -15.14 -21.09 13.73
C HIS A 191 -14.92 -21.05 12.22
N THR A 192 -15.51 -22.03 11.55
CA THR A 192 -15.57 -22.07 10.08
C THR A 192 -17.02 -22.22 9.67
N MET A 193 -17.51 -21.26 8.90
CA MET A 193 -18.89 -21.28 8.43
C MET A 193 -19.10 -22.46 7.49
N PRO A 194 -20.06 -23.33 7.75
CA PRO A 194 -20.27 -24.47 6.85
C PRO A 194 -21.00 -24.06 5.58
N LEU A 195 -20.98 -24.97 4.61
CA LEU A 195 -21.53 -24.69 3.29
C LEU A 195 -22.98 -24.22 3.33
N ALA A 196 -23.84 -24.91 4.09
CA ALA A 196 -25.25 -24.55 4.09
C ALA A 196 -25.47 -23.13 4.56
N ARG A 197 -24.76 -22.70 5.59
CA ARG A 197 -24.88 -21.32 6.06
C ARG A 197 -24.35 -20.34 5.02
N ARG A 198 -23.21 -20.67 4.39
CA ARG A 198 -22.69 -19.83 3.32
C ARG A 198 -23.76 -19.53 2.27
N ARG A 199 -24.47 -20.58 1.80
CA ARG A 199 -25.48 -20.40 0.78
C ARG A 199 -26.65 -19.55 1.28
N LEU A 200 -27.12 -19.79 2.51
CA LEU A 200 -28.23 -19.01 3.04
C LEU A 200 -27.88 -17.52 3.10
N LEU A 201 -26.66 -17.19 3.54
CA LEU A 201 -26.25 -15.79 3.60
C LEU A 201 -26.13 -15.19 2.20
N LEU A 202 -25.51 -15.92 1.27
CA LEU A 202 -25.44 -15.44 -0.12
C LEU A 202 -26.84 -15.17 -0.66
N GLU A 203 -27.80 -16.05 -0.37
CA GLU A 203 -29.15 -15.87 -0.89
C GLU A 203 -29.80 -14.61 -0.34
N VAL A 204 -29.63 -14.34 0.95
CA VAL A 204 -30.15 -13.10 1.53
C VAL A 204 -29.49 -11.90 0.87
N ALA A 205 -28.16 -11.90 0.82
CA ALA A 205 -27.44 -10.77 0.25
C ALA A 205 -27.80 -10.58 -1.22
N ALA A 206 -27.98 -11.67 -1.96
CA ALA A 206 -28.31 -11.54 -3.38
C ALA A 206 -29.65 -10.88 -3.56
N ARG A 207 -30.63 -11.27 -2.74
CA ARG A 207 -31.97 -10.72 -2.87
C ARG A 207 -32.00 -9.23 -2.58
N HIS A 208 -31.24 -8.79 -1.60
CA HIS A 208 -31.08 -7.36 -1.33
C HIS A 208 -30.09 -6.70 -2.27
N ASP A 209 -29.35 -7.49 -3.04
CA ASP A 209 -28.29 -6.98 -3.92
C ASP A 209 -27.26 -6.14 -3.16
N VAL A 210 -26.78 -6.66 -2.04
CA VAL A 210 -25.74 -5.99 -1.27
C VAL A 210 -24.43 -6.74 -1.44
N LEU A 211 -23.35 -5.97 -1.64
CA LEU A 211 -22.02 -6.53 -1.76
C LEU A 211 -21.60 -7.21 -0.47
N ILE A 212 -20.95 -8.36 -0.60
CA ILE A 212 -20.23 -9.00 0.50
C ILE A 212 -18.73 -8.79 0.28
N VAL A 213 -18.04 -8.34 1.34
CA VAL A 213 -16.58 -8.33 1.38
C VAL A 213 -16.16 -9.50 2.27
N GLU A 214 -15.52 -10.48 1.67
CA GLU A 214 -15.14 -11.74 2.30
C GLU A 214 -13.64 -11.69 2.59
N ASP A 215 -13.30 -11.46 3.85
CA ASP A 215 -11.90 -11.35 4.29
C ASP A 215 -11.44 -12.74 4.72
N ASP A 216 -10.54 -13.32 3.94
CA ASP A 216 -10.18 -14.74 4.10
C ASP A 216 -8.69 -14.92 4.38
N ALA A 217 -8.19 -14.19 5.37
CA ALA A 217 -6.75 -14.16 5.67
C ALA A 217 -6.19 -15.48 6.15
N TYR A 218 -7.02 -16.38 6.69
CA TYR A 218 -6.54 -17.64 7.27
C TYR A 218 -6.92 -18.85 6.43
N THR A 219 -7.27 -18.63 5.17
CA THR A 219 -7.87 -19.70 4.38
C THR A 219 -6.87 -20.82 4.12
N GLU A 220 -5.58 -20.53 4.09
CA GLU A 220 -4.59 -21.56 3.81
C GLU A 220 -4.06 -22.25 5.05
N LEU A 221 -4.68 -22.03 6.20
CA LEU A 221 -4.14 -22.49 7.47
C LEU A 221 -5.03 -23.52 8.14
N SER A 222 -5.64 -24.39 7.35
N SER A 222 -5.63 -24.40 7.35
CA SER A 222 -6.25 -25.58 7.93
CA SER A 222 -6.24 -25.61 7.90
C SER A 222 -5.17 -26.43 8.56
C SER A 222 -5.15 -26.43 8.57
N LEU A 223 -5.43 -26.92 9.77
CA LEU A 223 -4.42 -27.66 10.53
C LEU A 223 -4.62 -29.17 10.44
N ILE A 224 -5.78 -29.63 9.99
CA ILE A 224 -6.06 -31.05 9.74
C ILE A 224 -5.48 -31.36 8.36
N PRO A 225 -4.46 -32.20 8.25
CA PRO A 225 -3.70 -32.27 6.98
C PRO A 225 -4.54 -32.63 5.76
N ASP A 226 -5.58 -33.44 5.90
CA ASP A 226 -6.38 -33.83 4.74
C ASP A 226 -7.71 -33.08 4.66
N ARG A 227 -7.81 -31.92 5.28
CA ARG A 227 -9.04 -31.15 5.33
C ARG A 227 -8.80 -29.78 4.70
N THR A 228 -9.74 -29.34 3.87
CA THR A 228 -9.73 -27.99 3.33
C THR A 228 -11.06 -27.31 3.69
N PRO A 229 -11.08 -26.00 3.83
CA PRO A 229 -12.33 -25.30 4.14
C PRO A 229 -13.33 -25.47 3.01
N PRO A 230 -14.61 -25.18 3.25
CA PRO A 230 -15.58 -25.16 2.15
C PRO A 230 -15.22 -24.12 1.12
N PRO A 231 -15.80 -24.18 -0.07
CA PRO A 231 -15.55 -23.14 -1.06
C PRO A 231 -15.88 -21.75 -0.52
N SER A 232 -15.16 -20.76 -1.03
CA SER A 232 -15.38 -19.38 -0.60
C SER A 232 -16.79 -18.91 -0.94
N LEU A 233 -17.28 -17.94 -0.17
CA LEU A 233 -18.52 -17.26 -0.54
C LEU A 233 -18.44 -16.74 -1.97
N ALA A 234 -17.30 -16.15 -2.34
CA ALA A 234 -17.16 -15.57 -3.69
C ALA A 234 -17.38 -16.63 -4.75
N ALA A 235 -16.72 -17.78 -4.62
CA ALA A 235 -16.89 -18.83 -5.61
C ALA A 235 -18.31 -19.39 -5.62
N LEU A 236 -18.89 -19.62 -4.43
CA LEU A 236 -20.25 -20.12 -4.37
C LEU A 236 -21.23 -19.19 -5.07
N ALA A 237 -20.95 -17.90 -5.06
CA ALA A 237 -21.79 -16.90 -5.71
C ALA A 237 -21.43 -16.68 -7.18
N GLY A 238 -20.56 -17.49 -7.74
CA GLY A 238 -20.10 -17.22 -9.10
C GLY A 238 -19.45 -15.87 -9.23
N TYR A 239 -18.88 -15.36 -8.14
CA TYR A 239 -18.25 -14.06 -8.04
C TYR A 239 -19.21 -12.91 -8.32
N ARG A 240 -20.50 -13.15 -8.19
CA ARG A 240 -21.51 -12.11 -8.29
C ARG A 240 -21.68 -11.40 -6.93
N ARG A 241 -21.36 -10.10 -6.90
CA ARG A 241 -21.58 -9.25 -5.72
C ARG A 241 -20.81 -9.74 -4.49
N VAL A 242 -19.64 -10.35 -4.71
CA VAL A 242 -18.73 -10.71 -3.63
C VAL A 242 -17.31 -10.33 -4.05
N VAL A 243 -16.56 -9.72 -3.13
CA VAL A 243 -15.13 -9.46 -3.31
C VAL A 243 -14.40 -10.22 -2.20
N ARG A 244 -13.43 -11.05 -2.56
CA ARG A 244 -12.70 -11.87 -1.61
C ARG A 244 -11.30 -11.31 -1.44
N LEU A 245 -10.87 -11.17 -0.19
CA LEU A 245 -9.56 -10.63 0.14
C LEU A 245 -8.67 -11.73 0.75
N CYS A 246 -7.47 -11.88 0.21
CA CYS A 246 -6.51 -12.86 0.68
C CYS A 246 -5.19 -12.14 0.92
N SER A 247 -4.31 -12.78 1.69
CA SER A 247 -3.08 -12.14 2.09
C SER A 247 -1.97 -13.17 2.28
N PHE A 248 -0.72 -12.71 2.14
CA PHE A 248 0.42 -13.51 2.54
C PHE A 248 0.86 -13.24 3.98
N SER A 249 0.14 -12.37 4.69
CA SER A 249 0.58 -12.00 6.05
C SER A 249 0.64 -13.18 6.99
N1 LLP A 250 -8.09 -9.77 8.22
C2 LLP A 250 -8.16 -10.42 9.39
C2' LLP A 250 -9.52 -10.94 9.89
C3 LLP A 250 -7.01 -10.63 10.18
O3 LLP A 250 -7.11 -11.31 11.38
C4 LLP A 250 -5.77 -10.19 9.75
C4' LLP A 250 -4.44 -10.44 10.64
C5 LLP A 250 -5.70 -9.54 8.58
C6 LLP A 250 -6.82 -9.32 7.78
C5' LLP A 250 -4.26 -9.06 8.14
OP4 LLP A 250 -4.33 -8.20 7.04
P LLP A 250 -2.97 -7.81 6.33
OP1 LLP A 250 -2.88 -8.58 4.99
OP2 LLP A 250 -1.86 -8.17 7.25
OP3 LLP A 250 -3.06 -6.35 6.15
N LLP A 250 -0.38 -14.04 6.93
CA LLP A 250 -0.49 -15.13 7.92
CB LLP A 250 -1.95 -15.40 8.22
CG LLP A 250 -2.72 -14.10 8.50
CD LLP A 250 -2.27 -13.47 9.83
CE LLP A 250 -2.69 -11.96 9.89
NZ LLP A 250 -4.04 -11.81 10.46
C LLP A 250 0.18 -16.38 7.44
O LLP A 250 0.20 -17.37 8.17
H2'1 LLP A 250 -9.42 -11.28 10.79
H2'2 LLP A 250 -9.83 -11.66 9.31
H2'3 LLP A 250 -10.17 -10.23 9.89
HO3 LLP A 250 -6.66 -12.02 11.34
H4'1 LLP A 250 -4.63 -10.26 11.57
H6 LLP A 250 -6.75 -8.88 6.97
H5'1 LLP A 250 -3.72 -9.83 7.92
H5'2 LLP A 250 -3.85 -8.58 8.88
HA LLP A 250 -0.04 -14.86 8.73
HB2 LLP A 250 -2.01 -15.98 9.01
HB3 LLP A 250 -2.36 -15.84 7.46
HG2 LLP A 250 -3.66 -14.28 8.55
HG3 LLP A 250 -2.54 -13.47 7.78
HD2 LLP A 250 -1.31 -13.53 9.91
HD3 LLP A 250 -2.69 -13.94 10.56
HE2 LLP A 250 -2.69 -11.60 8.98
HE3 LLP A 250 -2.06 -11.48 10.43
N THR A 251 0.76 -16.35 6.24
CA THR A 251 1.47 -17.52 5.73
C THR A 251 2.99 -17.32 5.51
N LEU A 252 3.41 -16.11 5.12
CA LEU A 252 4.82 -15.84 4.83
C LEU A 252 5.44 -14.72 5.67
N GLY A 253 4.66 -13.73 6.08
CA GLY A 253 5.21 -12.62 6.82
C GLY A 253 4.42 -11.36 6.62
N PRO A 254 3.82 -10.85 7.70
CA PRO A 254 3.01 -9.63 7.56
C PRO A 254 3.82 -8.44 7.03
N GLY A 255 5.11 -8.38 7.32
CA GLY A 255 5.92 -7.25 6.88
C GLY A 255 6.08 -7.14 5.37
N LEU A 256 5.81 -8.23 4.64
CA LEU A 256 5.92 -8.18 3.18
C LEU A 256 4.91 -7.25 2.55
N ARG A 257 3.77 -7.01 3.21
CA ARG A 257 2.74 -6.11 2.73
C ARG A 257 2.30 -6.51 1.31
N LEU A 258 1.82 -7.76 1.20
CA LEU A 258 1.38 -8.31 -0.07
C LEU A 258 0.15 -9.17 0.13
N GLY A 259 -0.88 -8.91 -0.67
CA GLY A 259 -2.04 -9.76 -0.67
C GLY A 259 -2.68 -9.76 -2.04
N TRP A 260 -3.92 -10.23 -2.13
CA TRP A 260 -4.63 -10.16 -3.37
C TRP A 260 -6.13 -10.09 -3.13
N LEU A 261 -6.84 -9.81 -4.21
CA LEU A 261 -8.27 -9.56 -4.22
C LEU A 261 -8.84 -10.35 -5.38
N LEU A 262 -9.98 -11.00 -5.14
CA LEU A 262 -10.68 -11.74 -6.19
C LEU A 262 -12.09 -11.19 -6.33
N ALA A 263 -12.52 -10.96 -7.56
CA ALA A 263 -13.85 -10.45 -7.85
C ALA A 263 -14.24 -10.92 -9.25
N ASP A 264 -15.43 -10.55 -9.69
CA ASP A 264 -15.75 -10.83 -11.08
C ASP A 264 -14.86 -9.95 -11.96
N ARG A 265 -14.73 -10.36 -13.23
CA ARG A 265 -13.86 -9.65 -14.17
C ARG A 265 -14.20 -8.18 -14.25
N GLU A 266 -15.50 -7.86 -14.21
N GLU A 266 -15.50 -7.86 -14.24
CA GLU A 266 -15.93 -6.48 -14.38
CA GLU A 266 -15.89 -6.46 -14.38
C GLU A 266 -15.48 -5.61 -13.22
C GLU A 266 -15.40 -5.63 -13.21
N LEU A 267 -15.66 -6.09 -11.99
CA LEU A 267 -15.29 -5.29 -10.82
C LEU A 267 -13.78 -5.26 -10.64
N ALA A 268 -13.10 -6.39 -10.88
CA ALA A 268 -11.65 -6.38 -10.82
C ALA A 268 -11.07 -5.38 -11.81
N GLY A 269 -11.57 -5.40 -13.05
CA GLY A 269 -11.09 -4.47 -14.05
C GLY A 269 -11.38 -3.03 -13.68
N ARG A 270 -12.59 -2.77 -13.15
CA ARG A 270 -12.96 -1.40 -12.81
C ARG A 270 -12.07 -0.84 -11.71
N LEU A 271 -11.84 -1.62 -10.65
CA LEU A 271 -10.94 -1.19 -9.59
C LEU A 271 -9.55 -0.93 -10.16
N ALA A 272 -9.08 -1.80 -11.05
CA ALA A 272 -7.73 -1.69 -11.58
C ALA A 272 -7.54 -0.50 -12.50
N THR A 273 -8.62 0.12 -12.99
CA THR A 273 -8.49 1.33 -13.78
C THR A 273 -8.47 2.59 -12.93
N HIS A 274 -8.58 2.45 -11.61
CA HIS A 274 -8.51 3.61 -10.73
C HIS A 274 -7.15 4.30 -10.89
N GLY A 275 -7.18 5.63 -10.81
CA GLY A 275 -5.93 6.39 -10.89
C GLY A 275 -4.84 5.88 -9.97
N LEU A 276 -5.24 5.31 -8.83
CA LEU A 276 -4.23 4.74 -7.92
C LEU A 276 -3.33 3.76 -8.65
N PHE A 277 -3.94 2.85 -9.41
CA PHE A 277 -3.18 1.82 -10.11
C PHE A 277 -2.48 2.39 -11.33
N VAL A 278 -3.15 3.30 -12.05
CA VAL A 278 -2.53 3.88 -13.25
C VAL A 278 -1.30 4.69 -12.87
N SER A 279 -1.35 5.36 -11.69
CA SER A 279 -0.25 6.18 -11.24
C SER A 279 0.91 5.34 -10.73
N GLY A 280 0.63 4.34 -9.89
CA GLY A 280 1.67 3.63 -9.17
C GLY A 280 1.98 2.23 -9.67
N GLY A 281 1.18 1.73 -10.62
CA GLY A 281 1.32 0.35 -11.07
C GLY A 281 0.95 -0.64 -9.97
N SER A 282 1.42 -1.86 -10.15
CA SER A 282 1.21 -2.91 -9.16
C SER A 282 1.50 -2.41 -7.75
N LEU A 283 0.60 -2.70 -6.82
CA LEU A 283 0.68 -2.10 -5.49
C LEU A 283 1.87 -2.59 -4.67
N ASN A 284 2.47 -3.73 -5.00
CA ASN A 284 3.74 -4.06 -4.36
C ASN A 284 4.53 -4.96 -5.33
N HIS A 285 5.19 -4.33 -6.31
CA HIS A 285 5.67 -5.07 -7.47
C HIS A 285 6.88 -5.93 -7.11
N THR A 286 7.93 -5.32 -6.55
CA THR A 286 9.17 -6.07 -6.36
C THR A 286 8.93 -7.27 -5.44
N THR A 287 8.26 -7.04 -4.31
CA THR A 287 8.02 -8.16 -3.40
C THR A 287 7.11 -9.20 -4.03
N SER A 288 6.15 -8.78 -4.87
CA SER A 288 5.28 -9.76 -5.49
C SER A 288 6.05 -10.74 -6.37
N LEU A 289 7.12 -10.28 -7.01
CA LEU A 289 7.92 -11.17 -7.87
C LEU A 289 8.74 -12.14 -7.04
N ALA A 290 9.27 -11.70 -5.90
CA ALA A 290 9.93 -12.62 -4.99
C ALA A 290 8.96 -13.73 -4.57
N VAL A 291 7.75 -13.35 -4.18
CA VAL A 291 6.80 -14.36 -3.74
C VAL A 291 6.39 -15.25 -4.90
N SER A 292 6.29 -14.67 -6.11
CA SER A 292 5.95 -15.47 -7.28
C SER A 292 6.93 -16.61 -7.48
N THR A 293 8.22 -16.39 -7.24
CA THR A 293 9.18 -17.48 -7.43
C THR A 293 8.92 -18.64 -6.47
N LEU A 294 8.38 -18.34 -5.29
CA LEU A 294 8.06 -19.39 -4.32
C LEU A 294 6.83 -20.17 -4.72
N LEU A 295 5.79 -19.49 -5.22
CA LEU A 295 4.64 -20.22 -5.77
C LEU A 295 5.06 -21.12 -6.91
N ALA A 296 5.92 -20.60 -7.81
CA ALA A 296 6.25 -21.32 -9.03
C ALA A 296 7.02 -22.59 -8.72
N SER A 297 7.91 -22.56 -7.73
CA SER A 297 8.78 -23.69 -7.46
C SER A 297 8.12 -24.75 -6.60
N GLY A 298 6.98 -24.44 -5.97
CA GLY A 298 6.40 -25.30 -4.96
C GLY A 298 6.90 -25.04 -3.56
N ALA A 299 7.86 -24.13 -3.41
CA ALA A 299 8.40 -23.85 -2.08
C ALA A 299 7.37 -23.24 -1.16
N TYR A 300 6.43 -22.47 -1.71
CA TYR A 300 5.36 -21.92 -0.88
C TYR A 300 4.52 -23.04 -0.28
N ASP A 301 4.13 -24.01 -1.09
CA ASP A 301 3.31 -25.10 -0.56
C ASP A 301 4.08 -25.96 0.44
N ARG A 302 5.38 -26.21 0.17
CA ARG A 302 6.16 -26.96 1.13
C ARG A 302 6.34 -26.18 2.44
N HIS A 303 6.45 -24.85 2.34
CA HIS A 303 6.48 -24.03 3.54
C HIS A 303 5.16 -24.10 4.32
N LEU A 304 4.04 -24.05 3.60
CA LEU A 304 2.74 -24.16 4.26
C LEU A 304 2.57 -25.51 4.95
N ASP A 305 2.99 -26.58 4.29
CA ASP A 305 2.93 -27.89 4.94
C ASP A 305 3.65 -27.85 6.28
N ALA A 306 4.87 -27.31 6.29
CA ALA A 306 5.66 -27.29 7.52
C ALA A 306 5.07 -26.34 8.56
N PHE A 307 4.59 -25.19 8.11
CA PHE A 307 4.05 -24.20 9.04
C PHE A 307 2.73 -24.66 9.63
N ARG A 308 1.89 -25.32 8.83
CA ARG A 308 0.65 -25.87 9.37
C ARG A 308 0.92 -26.92 10.43
N ALA A 309 1.97 -27.75 10.23
CA ALA A 309 2.33 -28.73 11.24
C ALA A 309 2.83 -28.04 12.50
N GLN A 310 3.58 -26.95 12.35
CA GLN A 310 4.02 -26.17 13.52
C GLN A 310 2.82 -25.57 14.25
N LEU A 311 1.87 -25.00 13.50
CA LEU A 311 0.69 -24.41 14.13
C LEU A 311 -0.16 -25.49 14.81
N ARG A 312 -0.25 -26.68 14.19
CA ARG A 312 -1.03 -27.74 14.79
C ARG A 312 -0.44 -28.16 16.13
N ALA A 313 0.89 -28.23 16.22
CA ALA A 313 1.55 -28.58 17.45
C ALA A 313 1.27 -27.55 18.53
N ARG A 314 1.23 -26.26 18.15
CA ARG A 314 0.98 -25.19 19.10
C ARG A 314 -0.47 -25.18 19.55
N ARG A 315 -1.40 -25.32 18.60
CA ARG A 315 -2.82 -25.42 18.94
C ARG A 315 -3.04 -26.55 19.93
N ASP A 316 -2.51 -27.73 19.64
CA ASP A 316 -2.76 -28.90 20.48
C ASP A 316 -2.13 -28.74 21.85
N ALA A 317 -0.95 -28.11 21.91
CA ALA A 317 -0.32 -27.86 23.19
C ALA A 317 -1.16 -26.93 24.04
N LEU A 318 -1.63 -25.83 23.44
CA LEU A 318 -2.40 -24.85 24.21
C LEU A 318 -3.75 -25.42 24.66
N VAL A 319 -4.47 -26.06 23.73
CA VAL A 319 -5.73 -26.71 24.07
C VAL A 319 -5.51 -27.73 25.19
N GLY A 320 -4.51 -28.59 25.02
CA GLY A 320 -4.26 -29.63 25.99
C GLY A 320 -4.00 -29.09 27.39
N ALA A 321 -3.24 -28.00 27.49
CA ALA A 321 -2.89 -27.38 28.75
C ALA A 321 -4.01 -26.53 29.34
N LEU A 322 -5.07 -26.28 28.57
CA LEU A 322 -6.25 -25.59 29.08
C LEU A 322 -7.39 -26.54 29.43
N ARG A 323 -7.26 -27.83 29.14
CA ARG A 323 -8.37 -28.75 29.35
C ARG A 323 -8.84 -28.71 30.80
N ALA A 324 -7.92 -28.50 31.75
CA ALA A 324 -8.32 -28.48 33.16
C ALA A 324 -9.30 -27.36 33.47
N MET A 325 -9.38 -26.34 32.64
CA MET A 325 -10.30 -25.21 32.83
C MET A 325 -11.67 -25.43 32.21
N LEU A 326 -11.84 -26.45 31.37
CA LEU A 326 -13.02 -26.56 30.52
C LEU A 326 -14.07 -27.41 31.21
N ASP A 327 -14.88 -26.78 32.05
CA ASP A 327 -15.92 -27.45 32.81
C ASP A 327 -16.99 -26.44 33.14
N ASP A 328 -18.16 -26.93 33.55
CA ASP A 328 -19.24 -26.11 34.10
C ASP A 328 -19.32 -24.71 33.49
N GLY A 329 -19.62 -24.63 32.20
CA GLY A 329 -19.87 -23.35 31.56
C GLY A 329 -18.68 -22.69 30.89
N VAL A 330 -17.45 -23.00 31.31
CA VAL A 330 -16.26 -22.54 30.60
C VAL A 330 -16.02 -23.49 29.44
N GLU A 331 -16.06 -22.96 28.21
CA GLU A 331 -16.04 -23.78 27.02
C GLU A 331 -15.04 -23.27 25.99
N LEU A 332 -14.55 -24.20 25.17
CA LEU A 332 -13.57 -23.89 24.13
C LEU A 332 -13.78 -24.89 23.00
N ARG A 333 -14.21 -24.38 21.84
CA ARG A 333 -14.34 -25.20 20.64
C ARG A 333 -13.01 -25.17 19.91
N THR A 334 -12.38 -26.33 19.74
CA THR A 334 -11.10 -26.38 19.05
C THR A 334 -11.27 -25.93 17.61
N PRO A 335 -10.51 -24.95 17.15
CA PRO A 335 -10.64 -24.49 15.77
C PRO A 335 -9.95 -25.43 14.79
N GLU A 336 -10.53 -25.52 13.59
CA GLU A 336 -9.93 -26.34 12.53
C GLU A 336 -8.71 -25.69 11.90
N GLY A 337 -8.45 -24.42 12.17
CA GLY A 337 -7.33 -23.76 11.55
C GLY A 337 -7.16 -22.35 12.09
N GLY A 338 -6.21 -21.63 11.49
CA GLY A 338 -5.93 -20.28 11.91
C GLY A 338 -4.96 -20.16 13.07
N PHE A 339 -5.08 -19.07 13.82
CA PHE A 339 -4.13 -18.68 14.84
C PHE A 339 -4.69 -18.68 16.27
N PHE A 340 -6.00 -18.83 16.47
CA PHE A 340 -6.63 -18.40 17.71
C PHE A 340 -7.50 -19.47 18.35
N LEU A 341 -7.54 -19.44 19.68
CA LEU A 341 -8.54 -20.11 20.48
C LEU A 341 -9.46 -19.06 21.09
N TRP A 342 -10.72 -19.45 21.29
CA TRP A 342 -11.75 -18.59 21.85
C TRP A 342 -12.34 -19.27 23.06
N LEU A 343 -12.03 -18.72 24.25
CA LEU A 343 -12.49 -19.28 25.52
C LEU A 343 -13.72 -18.48 25.94
N ARG A 344 -14.83 -19.17 26.12
CA ARG A 344 -16.07 -18.55 26.58
C ARG A 344 -16.28 -18.94 28.03
N ALA A 345 -16.41 -17.95 28.90
CA ALA A 345 -16.57 -18.22 30.32
C ALA A 345 -18.04 -18.21 30.73
N GLY A 346 -18.76 -17.14 30.39
CA GLY A 346 -20.18 -17.07 30.66
C GLY A 346 -20.56 -17.32 32.10
N ASP A 347 -21.85 -17.49 32.35
CA ASP A 347 -22.34 -17.87 33.69
C ASP A 347 -22.05 -16.79 34.71
N GLY A 348 -22.10 -15.53 34.30
CA GLY A 348 -21.73 -14.46 35.19
C GLY A 348 -20.24 -14.28 35.34
N ALA A 349 -19.46 -14.85 34.44
CA ALA A 349 -18.03 -14.56 34.40
C ALA A 349 -17.81 -13.12 34.00
N ASP A 350 -16.79 -12.49 34.58
CA ASP A 350 -16.49 -11.09 34.35
C ASP A 350 -15.20 -10.97 33.56
N GLU A 351 -15.26 -10.27 32.42
CA GLU A 351 -14.07 -10.15 31.59
C GLU A 351 -12.91 -9.50 32.34
N ARG A 352 -13.18 -8.41 33.03
CA ARG A 352 -12.11 -7.70 33.76
C ARG A 352 -11.44 -8.61 34.78
N GLU A 353 -12.24 -9.39 35.51
CA GLU A 353 -11.70 -10.32 36.48
C GLU A 353 -10.79 -11.34 35.81
N LEU A 354 -11.21 -11.86 34.66
CA LEU A 354 -10.39 -12.81 33.93
C LEU A 354 -9.11 -12.16 33.44
N LEU A 355 -9.19 -10.92 32.94
CA LEU A 355 -7.99 -10.22 32.50
C LEU A 355 -7.05 -9.92 33.69
N ASP A 356 -7.62 -9.60 34.86
CA ASP A 356 -6.80 -9.43 36.05
C ASP A 356 -6.05 -10.70 36.40
N GLY A 357 -6.70 -11.86 36.22
CA GLY A 357 -6.01 -13.12 36.45
C GLY A 357 -4.87 -13.33 35.47
N ALA A 358 -5.09 -13.00 34.20
CA ALA A 358 -4.01 -13.11 33.22
C ALA A 358 -2.83 -12.22 33.63
N ALA A 359 -3.12 -11.02 34.11
CA ALA A 359 -2.07 -10.13 34.61
C ALA A 359 -1.31 -10.76 35.77
N ARG A 360 -2.02 -11.34 36.74
CA ARG A 360 -1.35 -12.03 37.83
C ARG A 360 -0.45 -13.15 37.32
N ALA A 361 -0.88 -13.81 36.26
CA ALA A 361 -0.14 -14.92 35.67
C ALA A 361 1.05 -14.47 34.83
N GLY A 362 1.16 -13.16 34.55
CA GLY A 362 2.19 -12.70 33.62
C GLY A 362 1.95 -13.10 32.20
N VAL A 363 0.68 -13.15 31.76
CA VAL A 363 0.31 -13.59 30.43
C VAL A 363 -0.58 -12.53 29.81
N ARG A 364 -0.33 -12.21 28.54
CA ARG A 364 -1.18 -11.29 27.81
C ARG A 364 -2.12 -12.11 26.91
N ILE A 365 -3.41 -11.78 26.98
CA ILE A 365 -4.45 -12.33 26.10
C ILE A 365 -5.26 -11.16 25.53
N ALA A 366 -6.24 -11.47 24.69
CA ALA A 366 -7.03 -10.45 24.02
C ALA A 366 -8.45 -10.50 24.57
N ALA A 367 -8.92 -9.36 25.07
CA ALA A 367 -10.27 -9.24 25.58
C ALA A 367 -11.30 -9.43 24.49
N GLY A 368 -12.31 -10.26 24.76
CA GLY A 368 -13.38 -10.45 23.80
C GLY A 368 -14.08 -9.16 23.42
N SER A 369 -14.21 -8.22 24.36
CA SER A 369 -14.95 -6.99 24.06
C SER A 369 -14.25 -6.16 22.98
N ARG A 370 -12.99 -6.44 22.67
CA ARG A 370 -12.33 -5.77 21.55
C ARG A 370 -13.01 -6.11 20.22
N PHE A 371 -13.62 -7.28 20.13
CA PHE A 371 -14.16 -7.78 18.88
C PHE A 371 -15.66 -7.54 18.76
N GLY A 372 -16.33 -7.21 19.86
CA GLY A 372 -17.74 -6.84 19.80
C GLY A 372 -18.52 -7.36 20.98
N THR A 373 -19.76 -7.74 20.73
CA THR A 373 -20.68 -8.18 21.77
C THR A 373 -20.60 -9.70 21.90
N THR A 374 -20.38 -10.16 23.13
CA THR A 374 -20.39 -11.58 23.44
C THR A 374 -21.44 -11.87 24.50
N GLN A 375 -21.91 -13.12 24.53
CA GLN A 375 -22.76 -13.57 25.62
C GLN A 375 -21.86 -14.09 26.73
N GLY A 376 -21.90 -13.42 27.88
CA GLY A 376 -20.96 -13.71 28.95
C GLY A 376 -19.62 -13.05 28.68
N ALA A 377 -18.54 -13.72 29.06
CA ALA A 377 -17.20 -13.24 28.79
C ALA A 377 -16.52 -14.14 27.77
N GLY A 378 -15.77 -13.53 26.87
CA GLY A 378 -14.97 -14.25 25.91
C GLY A 378 -13.55 -13.70 25.88
N LEU A 379 -12.61 -14.60 25.62
CA LEU A 379 -11.19 -14.27 25.57
C LEU A 379 -10.55 -14.95 24.38
N ARG A 380 -9.74 -14.20 23.63
CA ARG A 380 -9.02 -14.74 22.48
C ARG A 380 -7.58 -15.00 22.91
N LEU A 381 -7.11 -16.23 22.67
CA LEU A 381 -5.75 -16.63 22.97
C LEU A 381 -5.08 -17.13 21.70
N ALA A 382 -3.95 -16.53 21.35
CA ALA A 382 -3.22 -16.91 20.14
C ALA A 382 -2.24 -18.02 20.43
N PHE A 383 -2.15 -18.99 19.52
CA PHE A 383 -1.12 -20.02 19.62
C PHE A 383 -0.04 -19.88 18.54
N SER A 384 -0.05 -18.79 17.78
CA SER A 384 0.81 -18.65 16.61
C SER A 384 2.18 -18.07 16.92
N PHE A 385 2.35 -17.45 18.08
CA PHE A 385 3.49 -16.58 18.35
C PHE A 385 4.50 -17.19 19.31
N ASN A 386 4.23 -18.38 19.85
CA ASN A 386 5.08 -18.99 20.86
C ASN A 386 5.21 -20.48 20.62
N PRO A 387 6.32 -21.08 21.05
CA PRO A 387 6.48 -22.53 20.88
C PRO A 387 5.63 -23.30 21.88
N PRO A 388 5.41 -24.59 21.62
CA PRO A 388 4.53 -25.38 22.50
C PRO A 388 4.87 -25.29 23.97
N ALA A 389 6.17 -25.40 24.34
CA ALA A 389 6.51 -25.39 25.76
C ALA A 389 6.09 -24.09 26.44
N LEU A 390 6.21 -22.95 25.75
CA LEU A 390 5.84 -21.68 26.36
C LEU A 390 4.33 -21.50 26.42
N LEU A 391 3.61 -21.99 25.40
CA LEU A 391 2.14 -21.98 25.46
C LEU A 391 1.65 -22.79 26.64
N GLU A 392 2.29 -23.95 26.87
CA GLU A 392 1.92 -24.79 28.01
C GLU A 392 2.20 -24.08 29.32
N GLN A 393 3.36 -23.44 29.43
N GLN A 393 3.35 -23.43 29.43
CA GLN A 393 3.65 -22.66 30.64
CA GLN A 393 3.65 -22.66 30.64
C GLN A 393 2.63 -21.56 30.84
C GLN A 393 2.64 -21.55 30.84
N ALA A 394 2.27 -20.84 29.77
CA ALA A 394 1.29 -19.78 29.90
C ALA A 394 -0.05 -20.33 30.37
N ALA A 395 -0.48 -21.45 29.79
CA ALA A 395 -1.78 -22.01 30.15
C ALA A 395 -1.77 -22.46 31.59
N LYS A 396 -0.67 -23.04 32.05
CA LYS A 396 -0.53 -23.47 33.44
C LYS A 396 -0.66 -22.28 34.38
N ARG A 397 0.02 -21.18 34.07
CA ARG A 397 -0.08 -19.99 34.92
C ARG A 397 -1.49 -19.42 34.92
N LEU A 398 -2.12 -19.34 33.73
CA LEU A 398 -3.50 -18.85 33.65
C LEU A 398 -4.42 -19.72 34.51
N THR A 399 -4.28 -21.03 34.40
CA THR A 399 -5.10 -21.96 35.18
C THR A 399 -4.96 -21.70 36.67
N THR A 400 -3.73 -21.50 37.14
CA THR A 400 -3.50 -21.22 38.55
C THR A 400 -4.17 -19.92 38.95
N ALA A 401 -3.96 -18.87 38.16
CA ALA A 401 -4.54 -17.58 38.50
C ALA A 401 -6.06 -17.63 38.47
N TRP A 402 -6.64 -18.29 37.47
CA TRP A 402 -8.09 -18.26 37.35
C TRP A 402 -8.77 -19.16 38.39
N SER A 403 -8.01 -20.07 38.98
CA SER A 403 -8.57 -21.02 39.93
C SER A 403 -8.30 -20.59 41.36
N GLY B 12 26.51 -5.80 -20.24
CA GLY B 12 27.65 -4.92 -20.38
C GLY B 12 28.95 -5.51 -19.88
N SER B 13 29.93 -4.65 -19.61
CA SER B 13 31.25 -5.09 -19.20
C SER B 13 31.42 -5.15 -17.69
N VAL B 14 30.45 -4.69 -16.92
CA VAL B 14 30.51 -4.73 -15.47
C VAL B 14 29.38 -5.62 -14.96
N PRO B 15 29.54 -6.27 -13.82
CA PRO B 15 28.44 -7.08 -13.27
C PRO B 15 27.14 -6.28 -13.20
N SER B 16 26.05 -6.88 -13.69
CA SER B 16 24.78 -6.20 -13.69
C SER B 16 23.65 -7.21 -13.81
N LEU B 17 22.54 -6.93 -13.13
CA LEU B 17 21.31 -7.70 -13.27
C LEU B 17 20.22 -6.91 -13.98
N SER B 18 20.54 -5.78 -14.59
CA SER B 18 19.55 -4.85 -15.11
C SER B 18 19.18 -5.18 -16.56
N HIS B 19 18.91 -6.45 -16.82
CA HIS B 19 18.53 -6.91 -18.14
C HIS B 19 17.04 -6.68 -18.39
N THR B 20 16.65 -6.81 -19.67
CA THR B 20 15.27 -6.57 -20.09
C THR B 20 14.56 -7.84 -20.53
N ARG B 21 15.03 -9.01 -20.08
CA ARG B 21 14.46 -10.26 -20.58
C ARG B 21 12.99 -10.42 -20.17
N GLN B 22 12.55 -9.74 -19.11
CA GLN B 22 11.17 -9.77 -18.65
C GLN B 22 10.52 -8.40 -18.71
N TRP B 23 11.09 -7.48 -19.51
CA TRP B 23 10.51 -6.15 -19.67
C TRP B 23 9.43 -6.27 -20.75
N ARG B 24 8.27 -6.79 -20.33
CA ARG B 24 7.26 -7.22 -21.26
C ARG B 24 5.88 -6.90 -20.73
N PRO B 25 4.89 -6.75 -21.61
CA PRO B 25 3.51 -6.53 -21.16
C PRO B 25 3.09 -7.66 -20.24
N GLY B 26 2.35 -7.30 -19.21
CA GLY B 26 1.95 -8.23 -18.20
C GLY B 26 2.90 -8.33 -17.02
N VAL B 27 4.15 -7.88 -17.19
CA VAL B 27 5.10 -7.80 -16.09
C VAL B 27 5.28 -6.33 -15.67
N VAL B 28 5.71 -5.48 -16.60
CA VAL B 28 5.89 -4.07 -16.31
C VAL B 28 4.62 -3.32 -16.74
N GLN B 29 4.53 -2.06 -16.32
CA GLN B 29 3.27 -1.33 -16.45
C GLN B 29 2.87 -1.16 -17.91
N GLU B 30 3.82 -0.78 -18.75
CA GLU B 30 3.50 -0.52 -20.15
C GLU B 30 4.77 -0.64 -20.96
N VAL B 31 4.65 -1.17 -22.17
CA VAL B 31 5.76 -1.22 -23.12
C VAL B 31 5.26 -0.65 -24.43
N ALA B 32 6.00 0.31 -24.97
CA ALA B 32 5.62 0.92 -26.24
C ALA B 32 5.69 -0.09 -27.38
N PRO B 33 4.97 0.17 -28.47
CA PRO B 33 5.00 -0.75 -29.60
C PRO B 33 6.42 -0.97 -30.09
N ALA B 34 6.66 -2.17 -30.60
CA ALA B 34 7.96 -2.49 -31.16
C ALA B 34 8.36 -1.46 -32.21
N GLY B 35 9.62 -1.06 -32.16
CA GLY B 35 10.18 -0.12 -33.13
C GLY B 35 9.97 1.34 -32.79
N VAL B 36 9.29 1.67 -31.71
CA VAL B 36 9.09 3.05 -31.30
C VAL B 36 10.19 3.44 -30.34
N LEU B 37 10.88 4.55 -30.63
CA LEU B 37 11.82 5.15 -29.68
C LEU B 37 10.98 5.91 -28.64
N ASP B 38 11.00 5.43 -27.40
CA ASP B 38 10.00 5.86 -26.45
C ASP B 38 10.52 6.96 -25.53
N LEU B 39 10.14 8.19 -25.84
CA LEU B 39 10.41 9.35 -24.97
C LEU B 39 9.14 9.80 -24.23
N GLY B 40 8.16 8.91 -24.09
CA GLY B 40 6.92 9.24 -23.44
C GLY B 40 6.99 9.17 -21.93
N PRO B 41 6.97 7.97 -21.36
CA PRO B 41 6.88 7.86 -19.90
C PRO B 41 8.16 8.29 -19.22
N GLY B 42 7.98 8.86 -18.03
CA GLY B 42 9.09 9.21 -17.19
C GLY B 42 9.59 8.00 -16.41
N TYR B 43 10.07 7.01 -17.14
CA TYR B 43 10.59 5.77 -16.59
C TYR B 43 12.13 5.83 -16.55
N ILE B 44 12.71 5.09 -15.62
CA ILE B 44 14.17 4.94 -15.58
C ILE B 44 14.56 3.87 -16.59
N GLU B 45 15.51 4.21 -17.46
CA GLU B 45 16.09 3.29 -18.42
C GLU B 45 16.37 1.95 -17.74
N PRO B 46 15.92 0.84 -18.32
CA PRO B 46 16.09 -0.44 -17.61
C PRO B 46 17.52 -0.73 -17.18
N ALA B 47 18.48 -0.48 -18.08
CA ALA B 47 19.88 -0.75 -17.78
C ALA B 47 20.39 0.05 -16.58
N LEU B 48 19.77 1.20 -16.29
CA LEU B 48 20.16 2.03 -15.16
C LEU B 48 19.48 1.64 -13.85
N LEU B 49 18.43 0.83 -13.88
CA LEU B 49 17.76 0.48 -12.63
C LEU B 49 18.74 -0.30 -11.77
N PRO B 50 18.88 0.04 -10.47
CA PRO B 50 19.93 -0.58 -9.61
C PRO B 50 19.50 -1.92 -9.04
N VAL B 51 19.34 -2.91 -9.93
CA VAL B 51 18.81 -4.22 -9.56
C VAL B 51 19.78 -4.93 -8.62
N ARG B 52 21.06 -5.01 -9.01
CA ARG B 52 22.04 -5.70 -8.19
C ARG B 52 22.22 -5.02 -6.83
N LEU B 53 22.19 -3.69 -6.81
CA LEU B 53 22.27 -2.97 -5.55
C LEU B 53 21.13 -3.35 -4.63
N LEU B 54 19.90 -3.43 -5.16
CA LEU B 54 18.76 -3.80 -4.33
C LEU B 54 18.84 -5.26 -3.90
N ARG B 55 19.41 -6.15 -4.74
CA ARG B 55 19.57 -7.52 -4.32
C ARG B 55 20.44 -7.60 -3.07
N GLY B 56 21.56 -6.89 -3.08
CA GLY B 56 22.39 -6.85 -1.90
C GLY B 56 21.67 -6.25 -0.70
N ALA B 57 20.81 -5.26 -0.95
CA ALA B 57 20.09 -4.59 0.12
C ALA B 57 19.10 -5.54 0.79
N TYR B 58 18.37 -6.34 0.00
CA TYR B 58 17.47 -7.31 0.62
C TYR B 58 18.27 -8.36 1.38
N GLU B 59 19.38 -8.81 0.81
CA GLU B 59 20.21 -9.78 1.51
C GLU B 59 20.68 -9.22 2.84
N GLN B 60 21.15 -7.97 2.84
N GLN B 60 21.16 -7.97 2.83
CA GLN B 60 21.68 -7.39 4.06
CA GLN B 60 21.67 -7.36 4.05
C GLN B 60 20.56 -7.10 5.07
C GLN B 60 20.56 -7.09 5.06
N ALA B 61 19.42 -6.59 4.59
CA ALA B 61 18.33 -6.29 5.51
C ALA B 61 17.79 -7.54 6.18
N LEU B 62 17.64 -8.63 5.42
CA LEU B 62 17.12 -9.85 6.02
C LEU B 62 18.12 -10.45 7.00
N ALA B 63 19.41 -10.33 6.72
CA ALA B 63 20.41 -10.82 7.67
C ALA B 63 20.46 -9.95 8.93
N GLU B 64 20.45 -8.63 8.76
N GLU B 64 20.44 -8.63 8.77
CA GLU B 64 20.59 -7.73 9.90
CA GLU B 64 20.60 -7.73 9.90
C GLU B 64 19.32 -7.71 10.75
C GLU B 64 19.33 -7.67 10.75
N TYR B 65 18.16 -7.61 10.11
CA TYR B 65 16.91 -7.47 10.84
C TYR B 65 16.26 -8.82 11.15
N GLY B 66 16.64 -9.89 10.45
CA GLY B 66 16.16 -11.20 10.80
C GLY B 66 14.65 -11.27 10.77
N ALA B 67 14.08 -11.95 11.77
CA ALA B 67 12.63 -12.13 11.77
C ALA B 67 11.89 -10.82 11.80
N ALA B 68 12.49 -9.78 12.39
CA ALA B 68 11.83 -8.48 12.42
C ALA B 68 11.57 -7.93 11.01
N ALA B 69 12.29 -8.41 10.00
CA ALA B 69 12.06 -7.93 8.64
C ALA B 69 10.76 -8.46 8.06
N LEU B 70 10.25 -9.56 8.59
CA LEU B 70 9.03 -10.16 8.08
C LEU B 70 7.82 -10.01 9.00
N GLY B 71 8.01 -9.54 10.24
CA GLY B 71 6.87 -9.25 11.08
C GLY B 71 6.19 -7.98 10.69
N TYR B 72 5.03 -7.71 11.32
CA TYR B 72 4.41 -6.40 11.15
C TYR B 72 5.40 -5.31 11.57
N GLY B 73 5.50 -4.28 10.75
CA GLY B 73 6.42 -3.18 11.00
C GLY B 73 5.79 -2.09 11.84
N HIS B 74 6.66 -1.39 12.59
CA HIS B 74 6.27 -0.18 13.31
C HIS B 74 5.39 0.70 12.44
N ASP B 75 4.22 1.07 12.98
CA ASP B 75 3.15 1.64 12.17
C ASP B 75 3.59 2.81 11.28
N PRO B 76 4.27 3.86 11.78
CA PRO B 76 4.68 4.96 10.91
C PRO B 76 5.91 4.63 10.07
N GLY B 77 6.45 3.43 10.20
CA GLY B 77 7.66 3.04 9.50
C GLY B 77 8.81 2.81 10.49
N ALA B 78 9.71 1.90 10.12
CA ALA B 78 10.82 1.54 10.98
C ALA B 78 11.61 2.80 11.36
N GLN B 79 11.95 2.89 12.64
CA GLN B 79 12.55 4.12 13.15
C GLN B 79 13.87 4.45 12.49
N PRO B 80 14.75 3.50 12.18
CA PRO B 80 16.01 3.87 11.50
C PRO B 80 15.76 4.62 10.21
N LEU B 81 14.69 4.31 9.51
CA LEU B 81 14.39 5.02 8.27
C LEU B 81 13.77 6.38 8.57
N ARG B 82 12.85 6.45 9.55
CA ARG B 82 12.30 7.74 9.92
C ARG B 82 13.43 8.69 10.34
N ASP B 83 14.37 8.20 11.16
CA ASP B 83 15.46 9.03 11.64
C ASP B 83 16.28 9.58 10.48
N ARG B 84 16.67 8.71 9.54
CA ARG B 84 17.57 9.16 8.48
C ARG B 84 16.82 10.05 7.49
N LEU B 85 15.57 9.73 7.20
CA LEU B 85 14.80 10.56 6.27
C LEU B 85 14.57 11.96 6.84
N ALA B 86 14.32 12.07 8.15
CA ALA B 86 14.21 13.39 8.76
C ALA B 86 15.54 14.15 8.62
N ALA B 87 16.65 13.47 8.86
CA ALA B 87 17.94 14.15 8.78
C ALA B 87 18.25 14.60 7.36
N ARG B 88 17.85 13.80 6.37
CA ARG B 88 18.08 14.19 4.99
C ARG B 88 17.23 15.41 4.63
N ALA B 89 15.97 15.41 5.04
CA ALA B 89 15.12 16.56 4.74
C ALA B 89 15.70 17.81 5.35
N ALA B 90 16.16 17.71 6.60
CA ALA B 90 16.73 18.87 7.28
C ALA B 90 17.97 19.36 6.56
N ALA B 91 18.84 18.45 6.16
CA ALA B 91 20.07 18.84 5.47
C ALA B 91 19.77 19.54 4.15
N ALA B 92 18.75 19.05 3.42
CA ALA B 92 18.42 19.64 2.12
C ALA B 92 17.76 21.00 2.27
N ASP B 93 16.90 21.15 3.28
CA ASP B 93 16.18 22.39 3.53
C ASP B 93 17.01 23.42 4.28
N GLY B 94 18.06 23.00 4.98
CA GLY B 94 18.73 23.86 5.92
C GLY B 94 17.87 24.24 7.11
N LEU B 95 16.80 23.49 7.35
CA LEU B 95 15.79 23.78 8.36
C LEU B 95 15.39 22.49 9.05
N PRO B 96 15.01 22.56 10.32
CA PRO B 96 14.84 21.32 11.10
C PRO B 96 13.72 20.43 10.61
N CYS B 97 13.88 19.15 10.88
CA CYS B 97 12.84 18.15 10.66
C CYS B 97 13.09 17.03 11.65
N ASP B 98 12.10 16.71 12.42
CA ASP B 98 12.18 15.66 13.44
C ASP B 98 11.67 14.33 12.90
N PRO B 99 12.19 13.21 13.42
CA PRO B 99 11.69 11.91 12.96
C PRO B 99 10.21 11.68 13.20
N ASP B 100 9.61 12.30 14.23
CA ASP B 100 8.17 12.10 14.43
C ASP B 100 7.31 12.82 13.40
N GLN B 101 7.93 13.56 12.48
CA GLN B 101 7.22 14.16 11.34
C GLN B 101 7.16 13.26 10.12
N VAL B 102 7.81 12.09 10.14
CA VAL B 102 7.97 11.23 8.99
C VAL B 102 7.01 10.05 9.09
N LEU B 103 6.31 9.76 8.00
CA LEU B 103 5.49 8.56 7.84
C LEU B 103 5.90 7.86 6.55
N LEU B 104 6.18 6.56 6.63
CA LEU B 104 6.46 5.84 5.41
C LEU B 104 5.18 5.55 4.64
N THR B 105 5.32 5.49 3.30
CA THR B 105 4.23 5.16 2.40
C THR B 105 4.67 4.00 1.52
N SER B 106 3.70 3.41 0.82
CA SER B 106 3.98 2.45 -0.25
C SER B 106 4.01 3.12 -1.61
N GLY B 107 4.44 4.38 -1.65
CA GLY B 107 4.58 5.15 -2.87
C GLY B 107 3.72 6.40 -2.81
N THR B 108 4.09 7.44 -3.56
CA THR B 108 3.31 8.67 -3.51
C THR B 108 1.91 8.47 -4.09
N SER B 109 1.76 7.52 -5.01
CA SER B 109 0.43 7.23 -5.56
C SER B 109 -0.52 6.81 -4.46
N GLN B 110 -0.06 5.93 -3.56
N GLN B 110 -0.06 5.93 -3.56
CA GLN B 110 -0.87 5.53 -2.43
CA GLN B 110 -0.89 5.54 -2.43
C GLN B 110 -1.04 6.67 -1.43
C GLN B 110 -1.05 6.68 -1.43
N ALA B 111 0.02 7.46 -1.22
CA ALA B 111 -0.08 8.63 -0.35
C ALA B 111 -1.15 9.59 -0.85
N LEU B 112 -1.20 9.83 -2.17
CA LEU B 112 -2.20 10.75 -2.69
C LEU B 112 -3.59 10.18 -2.52
N TYR B 113 -3.77 8.87 -2.75
CA TYR B 113 -5.04 8.23 -2.49
C TYR B 113 -5.45 8.41 -1.03
N LEU B 114 -4.53 8.17 -0.11
CA LEU B 114 -4.80 8.35 1.32
C LEU B 114 -5.26 9.78 1.61
N LEU B 115 -4.53 10.77 1.11
CA LEU B 115 -4.90 12.16 1.44
C LEU B 115 -6.20 12.54 0.77
N ALA B 116 -6.44 12.06 -0.45
CA ALA B 116 -7.65 12.39 -1.19
C ALA B 116 -8.90 11.77 -0.58
N THR B 117 -8.74 10.77 0.26
CA THR B 117 -9.87 10.11 0.89
C THR B 117 -9.94 10.31 2.40
N SER B 118 -8.86 10.77 3.03
N SER B 118 -8.86 10.76 3.02
CA SER B 118 -8.86 11.04 4.47
CA SER B 118 -8.84 11.03 4.46
C SER B 118 -8.87 12.52 4.81
C SER B 118 -8.88 12.52 4.79
N LEU B 119 -8.14 13.35 4.05
CA LEU B 119 -8.13 14.79 4.25
C LEU B 119 -9.00 15.50 3.21
N ALA B 120 -9.83 14.75 2.50
CA ALA B 120 -10.79 15.30 1.56
C ALA B 120 -11.99 14.36 1.51
N ALA B 121 -13.12 14.89 1.11
CA ALA B 121 -14.36 14.13 1.00
C ALA B 121 -14.92 14.28 -0.40
N PRO B 122 -15.69 13.29 -0.87
CA PRO B 122 -16.31 13.41 -2.19
C PRO B 122 -17.00 14.76 -2.36
N GLY B 123 -16.72 15.42 -3.48
CA GLY B 123 -17.30 16.71 -3.78
C GLY B 123 -16.39 17.88 -3.47
N ASP B 124 -15.42 17.70 -2.58
CA ASP B 124 -14.48 18.76 -2.27
C ASP B 124 -13.66 19.14 -3.50
N THR B 125 -13.18 20.37 -3.51
CA THR B 125 -12.34 20.87 -4.60
C THR B 125 -10.86 20.73 -4.26
N VAL B 126 -10.08 20.37 -5.27
CA VAL B 126 -8.62 20.43 -5.19
C VAL B 126 -8.17 21.45 -6.22
N LEU B 127 -7.34 22.39 -5.79
CA LEU B 127 -6.77 23.39 -6.69
C LEU B 127 -5.40 22.91 -7.17
N THR B 128 -5.17 23.02 -8.48
CA THR B 128 -3.91 22.64 -9.08
C THR B 128 -3.43 23.77 -9.97
N GLU B 129 -2.19 23.65 -10.44
CA GLU B 129 -1.73 24.50 -11.51
C GLU B 129 -2.42 24.14 -12.82
N GLU B 130 -2.39 25.08 -13.77
CA GLU B 130 -2.89 24.86 -15.11
C GLU B 130 -2.28 23.62 -15.75
N LEU B 131 -1.04 23.33 -15.45
CA LEU B 131 -0.34 22.13 -15.89
C LEU B 131 0.17 21.41 -14.67
N CYS B 132 -0.12 20.12 -14.57
CA CYS B 132 0.39 19.35 -13.45
C CYS B 132 0.25 17.87 -13.75
N TYR B 133 0.82 17.06 -12.85
CA TYR B 133 0.89 15.62 -12.98
C TYR B 133 -0.42 15.02 -13.46
N ASP B 134 -0.40 14.38 -14.62
CA ASP B 134 -1.65 13.90 -15.22
C ASP B 134 -2.22 12.74 -14.43
N LEU B 135 -1.37 11.81 -13.95
CA LEU B 135 -1.90 10.64 -13.24
C LEU B 135 -2.38 11.02 -11.85
N GLY B 136 -1.77 12.04 -11.24
CA GLY B 136 -2.28 12.54 -9.96
C GLY B 136 -3.67 13.12 -10.09
N GLN B 137 -3.92 13.88 -11.16
CA GLN B 137 -5.26 14.37 -11.44
C GLN B 137 -6.26 13.22 -11.47
N ARG B 138 -5.85 12.09 -12.06
CA ARG B 138 -6.76 10.96 -12.18
C ARG B 138 -7.07 10.36 -10.81
N ILE B 139 -6.07 10.28 -9.93
CA ILE B 139 -6.35 9.86 -8.55
C ILE B 139 -7.43 10.76 -7.94
N PHE B 140 -7.23 12.07 -8.02
CA PHE B 140 -8.17 12.97 -7.37
C PHE B 140 -9.56 12.83 -7.97
N ARG B 141 -9.66 12.76 -9.30
CA ARG B 141 -10.96 12.64 -9.94
C ARG B 141 -11.63 11.34 -9.57
N ASP B 142 -10.86 10.24 -9.53
CA ASP B 142 -11.45 8.95 -9.21
C ASP B 142 -11.84 8.84 -7.74
N CYS B 143 -11.29 9.70 -6.89
CA CYS B 143 -11.73 9.84 -5.52
C CYS B 143 -12.86 10.85 -5.37
N SER B 144 -13.50 11.22 -6.48
CA SER B 144 -14.69 12.07 -6.53
C SER B 144 -14.42 13.50 -6.12
N LEU B 145 -13.19 13.97 -6.26
CA LEU B 145 -12.87 15.35 -5.98
C LEU B 145 -12.98 16.18 -7.25
N ARG B 146 -13.32 17.45 -7.07
CA ARG B 146 -13.44 18.41 -8.17
C ARG B 146 -12.13 19.16 -8.36
N LEU B 147 -11.60 19.16 -9.57
CA LEU B 147 -10.34 19.83 -9.86
C LEU B 147 -10.62 21.20 -10.47
N ARG B 148 -9.90 22.21 -9.99
CA ARG B 148 -9.97 23.56 -10.55
C ARG B 148 -8.56 24.07 -10.77
N GLN B 149 -8.28 24.53 -11.98
CA GLN B 149 -6.93 24.95 -12.34
C GLN B 149 -6.73 26.41 -11.96
N VAL B 150 -5.52 26.73 -11.51
CA VAL B 150 -5.14 28.09 -11.14
C VAL B 150 -4.05 28.56 -12.12
N ALA B 151 -4.14 29.82 -12.52
CA ALA B 151 -3.16 30.36 -13.46
C ALA B 151 -1.73 30.20 -12.92
N MET B 152 -0.80 29.95 -13.84
CA MET B 152 0.60 29.76 -13.53
C MET B 152 1.46 30.53 -14.53
N ASP B 153 2.70 30.80 -14.14
CA ASP B 153 3.70 31.28 -15.09
C ASP B 153 4.90 30.34 -15.09
N GLY B 154 6.06 30.85 -15.52
CA GLY B 154 7.24 30.00 -15.58
C GLY B 154 7.77 29.58 -14.22
N SER B 155 7.22 30.12 -13.13
CA SER B 155 7.64 29.77 -11.79
C SER B 155 6.58 28.96 -11.04
N GLY B 156 5.50 28.56 -11.71
CA GLY B 156 4.44 27.83 -11.07
C GLY B 156 3.23 28.70 -10.77
N MET B 157 2.40 28.19 -9.86
CA MET B 157 1.13 28.82 -9.54
C MET B 157 1.32 30.26 -9.12
N LEU B 158 0.39 31.13 -9.57
CA LEU B 158 0.48 32.56 -9.29
C LEU B 158 -0.24 32.90 -7.99
N PRO B 159 0.41 33.59 -7.06
CA PRO B 159 -0.25 33.89 -5.77
C PRO B 159 -1.56 34.64 -5.89
N ASP B 160 -1.64 35.66 -6.75
CA ASP B 160 -2.87 36.41 -6.90
C ASP B 160 -3.99 35.52 -7.42
N ALA B 161 -3.67 34.63 -8.37
CA ALA B 161 -4.69 33.73 -8.91
C ALA B 161 -5.16 32.74 -7.87
N LEU B 162 -4.24 32.21 -7.06
CA LEU B 162 -4.63 31.31 -5.98
C LEU B 162 -5.53 32.04 -4.98
N ASP B 163 -5.14 33.25 -4.59
CA ASP B 163 -5.95 34.07 -3.69
C ASP B 163 -7.36 34.25 -4.22
N ARG B 164 -7.48 34.60 -5.51
CA ARG B 164 -8.81 34.80 -6.08
C ARG B 164 -9.58 33.49 -6.13
N ALA B 165 -8.91 32.41 -6.52
CA ALA B 165 -9.56 31.11 -6.59
C ALA B 165 -10.09 30.69 -5.23
N LEU B 166 -9.29 30.86 -4.19
CA LEU B 166 -9.73 30.50 -2.84
C LEU B 166 -10.85 31.42 -2.38
N THR B 167 -10.73 32.71 -2.62
CA THR B 167 -11.79 33.64 -2.25
C THR B 167 -13.10 33.29 -2.94
N GLU B 168 -13.05 33.05 -4.25
CA GLU B 168 -14.28 32.80 -4.99
C GLU B 168 -14.88 31.46 -4.63
N GLY B 169 -14.04 30.46 -4.37
CA GLY B 169 -14.54 29.19 -3.87
C GLY B 169 -15.30 29.34 -2.58
N ALA B 170 -14.72 30.09 -1.63
CA ALA B 170 -15.40 30.34 -0.37
C ALA B 170 -16.70 31.10 -0.58
N ARG B 171 -16.70 32.08 -1.49
CA ARG B 171 -17.91 32.85 -1.74
C ARG B 171 -18.99 31.99 -2.37
N ALA B 172 -18.62 31.03 -3.20
CA ALA B 172 -19.58 30.11 -3.80
C ALA B 172 -19.98 28.99 -2.87
N GLY B 173 -19.36 28.89 -1.70
CA GLY B 173 -19.69 27.83 -0.77
C GLY B 173 -19.03 26.52 -1.07
N ALA B 174 -17.97 26.52 -1.86
CA ALA B 174 -17.26 25.30 -2.22
C ALA B 174 -16.11 25.07 -1.26
N LYS B 175 -15.99 23.84 -0.77
CA LYS B 175 -14.91 23.48 0.13
C LYS B 175 -13.69 23.08 -0.68
N THR B 176 -12.59 23.79 -0.47
CA THR B 176 -11.30 23.42 -1.05
C THR B 176 -10.58 22.56 -0.04
N ALA B 177 -10.39 21.27 -0.36
CA ALA B 177 -9.72 20.35 0.55
C ALA B 177 -8.23 20.68 0.65
N PHE B 178 -7.56 20.86 -0.49
CA PHE B 178 -6.17 21.25 -0.45
C PHE B 178 -5.74 21.80 -1.81
N VAL B 179 -4.57 22.45 -1.81
CA VAL B 179 -3.88 22.92 -3.01
C VAL B 179 -2.77 21.93 -3.29
N TYR B 180 -2.75 21.37 -4.50
CA TYR B 180 -1.74 20.39 -4.91
C TYR B 180 -0.68 21.09 -5.76
N LEU B 181 0.59 20.89 -5.38
CA LEU B 181 1.72 21.58 -5.99
C LEU B 181 2.91 20.65 -6.13
N THR B 182 3.59 20.72 -7.28
CA THR B 182 4.89 20.10 -7.51
C THR B 182 5.88 21.24 -7.80
N PRO B 183 6.58 21.75 -6.78
CA PRO B 183 7.36 22.97 -6.98
C PRO B 183 8.76 22.79 -7.56
N THR B 184 9.30 21.56 -7.58
CA THR B 184 10.68 21.33 -7.98
C THR B 184 10.73 20.32 -9.12
N HIS B 185 11.40 20.70 -10.20
CA HIS B 185 11.48 19.86 -11.41
C HIS B 185 10.08 19.39 -11.81
N HIS B 186 9.24 20.38 -12.05
CA HIS B 186 7.82 20.23 -12.31
C HIS B 186 7.54 19.23 -13.42
N ASN B 187 6.55 18.37 -13.17
CA ASN B 187 6.01 17.50 -14.21
C ASN B 187 4.77 18.15 -14.81
N PRO B 188 4.79 18.59 -16.06
CA PRO B 188 5.77 18.34 -17.12
C PRO B 188 6.74 19.44 -17.49
N THR B 189 6.71 20.64 -16.89
CA THR B 189 7.44 21.75 -17.47
C THR B 189 8.92 21.73 -17.13
N GLY B 190 9.31 21.02 -16.08
CA GLY B 190 10.68 21.05 -15.61
C GLY B 190 11.05 22.25 -14.78
N HIS B 191 10.14 23.19 -14.53
CA HIS B 191 10.52 24.38 -13.80
C HIS B 191 10.73 24.07 -12.32
N THR B 192 11.43 24.97 -11.64
CA THR B 192 11.59 24.93 -10.20
C THR B 192 11.13 26.26 -9.64
N MET B 193 10.13 26.21 -8.78
CA MET B 193 9.59 27.41 -8.15
C MET B 193 10.65 28.07 -7.26
N PRO B 194 10.97 29.34 -7.46
CA PRO B 194 11.98 29.99 -6.61
C PRO B 194 11.43 30.31 -5.22
N LEU B 195 12.37 30.61 -4.34
CA LEU B 195 12.05 30.88 -2.93
C LEU B 195 10.97 31.94 -2.78
N ALA B 196 11.11 33.07 -3.48
CA ALA B 196 10.18 34.17 -3.27
C ALA B 196 8.75 33.75 -3.61
N ARG B 197 8.57 33.01 -4.68
CA ARG B 197 7.24 32.53 -5.05
C ARG B 197 6.71 31.54 -4.03
N ARG B 198 7.58 30.66 -3.53
CA ARG B 198 7.17 29.74 -2.48
C ARG B 198 6.55 30.47 -1.29
N ARG B 199 7.23 31.53 -0.83
N ARG B 199 7.21 31.54 -0.84
CA ARG B 199 6.73 32.26 0.33
CA ARG B 199 6.72 32.25 0.34
C ARG B 199 5.39 32.92 0.04
C ARG B 199 5.39 32.95 0.04
N LEU B 200 5.24 33.54 -1.14
CA LEU B 200 4.01 34.23 -1.46
C LEU B 200 2.83 33.27 -1.50
N LEU B 201 3.02 32.09 -2.09
CA LEU B 201 1.95 31.09 -2.10
C LEU B 201 1.61 30.61 -0.69
N LEU B 202 2.64 30.40 0.15
CA LEU B 202 2.38 29.98 1.53
C LEU B 202 1.58 31.03 2.28
N GLU B 203 1.90 32.31 2.07
CA GLU B 203 1.18 33.37 2.76
C GLU B 203 -0.28 33.40 2.33
N VAL B 204 -0.55 33.22 1.04
CA VAL B 204 -1.94 33.16 0.57
C VAL B 204 -2.66 31.98 1.21
N ALA B 205 -2.06 30.80 1.15
CA ALA B 205 -2.70 29.61 1.69
C ALA B 205 -2.92 29.75 3.20
N ALA B 206 -1.97 30.38 3.89
CA ALA B 206 -2.12 30.54 5.34
C ALA B 206 -3.29 31.47 5.68
N ARG B 207 -3.44 32.55 4.91
N ARG B 207 -3.42 32.59 4.95
CA ARG B 207 -4.54 33.48 5.18
CA ARG B 207 -4.55 33.47 5.19
C ARG B 207 -5.91 32.83 4.95
C ARG B 207 -5.87 32.71 5.06
N HIS B 208 -5.99 31.87 4.04
CA HIS B 208 -7.20 31.08 3.83
C HIS B 208 -7.24 29.82 4.67
N ASP B 209 -6.17 29.52 5.42
CA ASP B 209 -6.02 28.28 6.19
C ASP B 209 -6.40 27.05 5.37
N VAL B 210 -5.80 26.93 4.19
CA VAL B 210 -5.98 25.79 3.31
C VAL B 210 -4.70 24.96 3.30
N LEU B 211 -4.87 23.64 3.34
CA LEU B 211 -3.74 22.73 3.27
C LEU B 211 -3.10 22.73 1.88
N ILE B 212 -1.77 22.69 1.86
CA ILE B 212 -1.02 22.41 0.63
C ILE B 212 -0.49 20.99 0.68
N VAL B 213 -0.68 20.25 -0.41
CA VAL B 213 -0.04 18.96 -0.62
C VAL B 213 1.08 19.19 -1.62
N GLU B 214 2.30 19.04 -1.14
CA GLU B 214 3.54 19.29 -1.89
C GLU B 214 4.08 17.95 -2.34
N ASP B 215 3.90 17.64 -3.62
CA ASP B 215 4.37 16.39 -4.21
C ASP B 215 5.76 16.62 -4.77
N ASP B 216 6.77 16.02 -4.13
CA ASP B 216 8.17 16.37 -4.41
C ASP B 216 8.97 15.15 -4.91
N ALA B 217 8.45 14.47 -5.94
CA ALA B 217 9.03 13.20 -6.39
C ALA B 217 10.42 13.35 -7.01
N TYR B 218 10.78 14.53 -7.49
CA TYR B 218 12.05 14.73 -8.19
C TYR B 218 13.04 15.55 -7.38
N THR B 219 12.83 15.66 -6.06
CA THR B 219 13.60 16.61 -5.26
C THR B 219 15.08 16.25 -5.23
N GLU B 220 15.44 14.97 -5.30
CA GLU B 220 16.84 14.58 -5.20
C GLU B 220 17.55 14.52 -6.55
N LEU B 221 16.92 15.02 -7.61
CA LEU B 221 17.42 14.82 -8.97
C LEU B 221 17.86 16.14 -9.61
N SER B 222 18.45 17.03 -8.83
CA SER B 222 19.12 18.19 -9.40
C SER B 222 20.32 17.71 -10.20
N LEU B 223 20.47 18.22 -11.42
CA LEU B 223 21.48 17.69 -12.32
C LEU B 223 22.75 18.53 -12.35
N ILE B 224 22.65 19.82 -12.04
CA ILE B 224 23.82 20.69 -11.90
C ILE B 224 24.52 20.29 -10.60
N PRO B 225 25.69 19.66 -10.64
CA PRO B 225 26.31 19.20 -9.39
C PRO B 225 26.53 20.35 -8.42
N ASP B 226 26.41 20.03 -7.13
CA ASP B 226 26.55 21.01 -6.05
C ASP B 226 25.50 22.11 -6.10
N ARG B 227 24.41 21.90 -6.83
CA ARG B 227 23.23 22.75 -6.78
C ARG B 227 22.08 21.96 -6.17
N THR B 228 21.33 22.60 -5.28
CA THR B 228 20.20 21.97 -4.62
C THR B 228 18.97 22.87 -4.76
N PRO B 229 17.79 22.29 -4.85
CA PRO B 229 16.56 23.10 -4.97
C PRO B 229 16.38 23.99 -3.75
N PRO B 230 15.52 25.00 -3.83
CA PRO B 230 15.20 25.80 -2.65
C PRO B 230 14.53 24.95 -1.59
N PRO B 231 14.45 25.43 -0.35
CA PRO B 231 13.76 24.67 0.70
C PRO B 231 12.32 24.38 0.31
N SER B 232 11.81 23.27 0.81
CA SER B 232 10.45 22.85 0.51
C SER B 232 9.44 23.87 1.07
N LEU B 233 8.26 23.90 0.45
CA LEU B 233 7.16 24.65 1.02
C LEU B 233 6.92 24.22 2.46
N ALA B 234 6.97 22.91 2.70
CA ALA B 234 6.67 22.40 4.03
C ALA B 234 7.64 22.96 5.05
N ALA B 235 8.93 22.96 4.73
CA ALA B 235 9.92 23.50 5.67
C ALA B 235 9.78 25.00 5.83
N LEU B 236 9.54 25.72 4.71
CA LEU B 236 9.41 27.16 4.78
C LEU B 236 8.21 27.57 5.63
N ALA B 237 7.22 26.71 5.75
CA ALA B 237 6.02 26.96 6.53
C ALA B 237 6.16 26.46 7.97
N GLY B 238 7.32 25.97 8.35
CA GLY B 238 7.45 25.29 9.63
C GLY B 238 6.53 24.10 9.74
N TYR B 239 6.20 23.50 8.60
CA TYR B 239 5.30 22.36 8.49
C TYR B 239 3.89 22.67 8.96
N ARG B 240 3.53 23.96 9.01
CA ARG B 240 2.16 24.34 9.33
C ARG B 240 1.29 24.24 8.07
N ARG B 241 0.31 23.34 8.08
CA ARG B 241 -0.68 23.22 7.01
C ARG B 241 -0.04 22.87 5.64
N VAL B 242 1.04 22.08 5.68
CA VAL B 242 1.65 21.53 4.49
C VAL B 242 1.99 20.07 4.76
N VAL B 243 1.68 19.20 3.81
CA VAL B 243 2.13 17.82 3.80
C VAL B 243 3.01 17.64 2.55
N ARG B 244 4.22 17.12 2.75
CA ARG B 244 5.16 16.91 1.67
C ARG B 244 5.29 15.43 1.38
N LEU B 245 5.22 15.06 0.11
CA LEU B 245 5.28 13.66 -0.31
C LEU B 245 6.56 13.43 -1.09
N CYS B 246 7.31 12.40 -0.70
CA CYS B 246 8.55 12.03 -1.35
C CYS B 246 8.49 10.56 -1.71
N SER B 247 9.36 10.14 -2.61
CA SER B 247 9.30 8.78 -3.11
C SER B 247 10.69 8.27 -3.47
N PHE B 248 10.85 6.95 -3.43
CA PHE B 248 12.02 6.28 -3.99
C PHE B 248 11.82 5.84 -5.43
N SER B 249 10.68 6.15 -6.02
CA SER B 249 10.41 5.67 -7.38
C SER B 249 11.38 6.25 -8.39
N1 LLP B 250 4.28 12.53 -8.42
C2 LLP B 250 4.70 12.99 -9.59
C2' LLP B 250 4.44 14.49 -9.95
C3 LLP B 250 5.38 12.15 -10.50
O3 LLP B 250 5.81 12.64 -11.73
C4 LLP B 250 5.61 10.84 -10.18
C4' LLP B 250 6.40 9.83 -11.17
C5 LLP B 250 5.18 10.36 -8.98
C6 LLP B 250 4.50 11.19 -8.08
C5' LLP B 250 5.48 8.86 -8.67
OP4 LLP B 250 4.72 8.42 -7.58
P LLP B 250 5.05 6.99 -7.01
OP1 LLP B 250 5.85 7.15 -5.73
OP2 LLP B 250 5.79 6.25 -8.04
OP3 LLP B 250 3.70 6.36 -6.74
N LLP B 250 11.70 7.54 -8.26
CA LLP B 250 12.51 8.20 -9.29
CB LLP B 250 12.02 9.61 -9.48
CG LLP B 250 10.50 9.68 -9.70
CD LLP B 250 10.07 8.98 -11.00
CE LLP B 250 8.55 8.67 -11.02
NZ LLP B 250 7.78 9.92 -10.82
C LLP B 250 13.97 8.17 -8.95
O LLP B 250 14.75 8.72 -9.71
H2'1 LLP B 250 4.73 14.66 -10.86
H2'2 LLP B 250 4.94 15.06 -9.34
H2'3 LLP B 250 3.50 14.69 -9.87
HO3 LLP B 250 5.44 12.21 -12.36
H4'1 LLP B 250 6.27 10.09 -12.10
H6 LLP B 250 4.20 10.85 -7.26
H5'1 LLP B 250 6.42 8.75 -8.46
H5'2 LLP B 250 5.25 8.32 -9.44
HA LLP B 250 12.40 7.71 -10.12
HB2 LLP B 250 12.46 9.99 -10.25
HB3 LLP B 250 12.24 10.14 -8.70
HG2 LLP B 250 10.23 10.62 -9.75
HG3 LLP B 250 10.05 9.25 -8.94
HD2 LLP B 250 10.56 8.15 -11.07
HD3 LLP B 250 10.29 9.55 -11.75
HE2 LLP B 250 8.32 8.04 -10.32
HE3 LLP B 250 8.31 8.29 -11.88
N THR B 251 14.34 7.54 -7.84
CA THR B 251 15.75 7.45 -7.48
C THR B 251 16.26 6.00 -7.41
N LEU B 252 15.39 5.04 -7.04
CA LEU B 252 15.81 3.65 -6.92
C LEU B 252 15.01 2.66 -7.75
N GLY B 253 13.75 2.93 -8.04
CA GLY B 253 12.94 2.01 -8.80
C GLY B 253 11.48 2.09 -8.40
N PRO B 254 10.62 2.43 -9.36
CA PRO B 254 9.20 2.57 -9.05
C PRO B 254 8.55 1.28 -8.53
N GLY B 255 9.03 0.10 -8.94
CA GLY B 255 8.45 -1.15 -8.51
C GLY B 255 8.57 -1.42 -7.03
N LEU B 256 9.49 -0.74 -6.36
CA LEU B 256 9.69 -0.97 -4.95
C LEU B 256 8.47 -0.55 -4.13
N ARG B 257 7.67 0.38 -4.65
CA ARG B 257 6.47 0.87 -3.96
C ARG B 257 6.81 1.34 -2.54
N LEU B 258 7.69 2.34 -2.48
CA LEU B 258 8.15 2.86 -1.20
C LEU B 258 8.32 4.37 -1.30
N GLY B 259 7.73 5.08 -0.37
CA GLY B 259 7.96 6.52 -0.28
C GLY B 259 7.81 6.99 1.14
N TRP B 260 7.69 8.30 1.31
CA TRP B 260 7.43 8.84 2.63
C TRP B 260 6.69 10.17 2.53
N LEU B 261 6.27 10.62 3.70
CA LEU B 261 5.39 11.76 3.92
C LEU B 261 5.98 12.54 5.08
N LEU B 262 6.01 13.86 4.94
CA LEU B 262 6.46 14.76 6.00
C LEU B 262 5.33 15.72 6.34
N ALA B 263 5.06 15.87 7.63
CA ALA B 263 4.04 16.80 8.11
C ALA B 263 4.47 17.29 9.48
N ASP B 264 3.69 18.17 10.07
CA ASP B 264 3.97 18.50 11.47
C ASP B 264 3.63 17.29 12.34
N ARG B 265 4.13 17.33 13.57
CA ARG B 265 4.03 16.15 14.43
C ARG B 265 2.58 15.73 14.64
N GLU B 266 1.68 16.72 14.80
CA GLU B 266 0.29 16.40 15.08
C GLU B 266 -0.38 15.70 13.91
N LEU B 267 -0.18 16.22 12.71
CA LEU B 267 -0.82 15.61 11.55
C LEU B 267 -0.20 14.26 11.21
N ALA B 268 1.13 14.14 11.30
CA ALA B 268 1.75 12.84 11.08
C ALA B 268 1.22 11.81 12.08
N GLY B 269 1.06 12.22 13.33
CA GLY B 269 0.57 11.31 14.35
C GLY B 269 -0.90 10.95 14.14
N ARG B 270 -1.70 11.93 13.73
CA ARG B 270 -3.11 11.65 13.42
C ARG B 270 -3.22 10.62 12.29
N LEU B 271 -2.50 10.85 11.20
CA LEU B 271 -2.53 9.91 10.09
C LEU B 271 -2.09 8.51 10.51
N ALA B 272 -1.04 8.43 11.33
CA ALA B 272 -0.48 7.14 11.70
C ALA B 272 -1.37 6.35 12.65
N THR B 273 -2.37 6.98 13.25
CA THR B 273 -3.30 6.26 14.10
C THR B 273 -4.55 5.82 13.34
N HIS B 274 -4.59 6.06 12.03
CA HIS B 274 -5.68 5.53 11.21
C HIS B 274 -5.64 4.01 11.24
N GLY B 275 -6.81 3.39 11.25
CA GLY B 275 -6.88 1.94 11.22
C GLY B 275 -6.04 1.30 10.15
N LEU B 276 -5.87 1.98 9.02
CA LEU B 276 -4.99 1.45 7.96
C LEU B 276 -3.63 1.05 8.52
N PHE B 277 -3.03 1.92 9.31
CA PHE B 277 -1.71 1.65 9.88
C PHE B 277 -1.79 0.72 11.09
N VAL B 278 -2.82 0.87 11.92
CA VAL B 278 -2.95 0.03 13.10
C VAL B 278 -3.11 -1.43 12.70
N SER B 279 -3.87 -1.67 11.63
CA SER B 279 -4.13 -3.02 11.16
C SER B 279 -2.92 -3.62 10.43
N GLY B 280 -2.33 -2.87 9.50
CA GLY B 280 -1.31 -3.42 8.62
C GLY B 280 0.12 -3.09 8.99
N GLY B 281 0.33 -2.17 9.93
CA GLY B 281 1.66 -1.76 10.26
C GLY B 281 2.27 -0.87 9.17
N SER B 282 3.59 -0.71 9.24
CA SER B 282 4.32 0.02 8.19
C SER B 282 3.86 -0.38 6.80
N LEU B 283 3.60 0.63 5.95
CA LEU B 283 2.94 0.36 4.67
C LEU B 283 3.79 -0.46 3.70
N ASN B 284 5.11 -0.51 3.90
CA ASN B 284 5.91 -1.45 3.10
C ASN B 284 7.17 -1.82 3.91
N HIS B 285 7.01 -2.77 4.83
CA HIS B 285 8.04 -2.93 5.86
C HIS B 285 9.31 -3.59 5.33
N THR B 286 9.17 -4.74 4.69
CA THR B 286 10.37 -5.48 4.29
C THR B 286 11.23 -4.65 3.33
N THR B 287 10.60 -4.09 2.29
CA THR B 287 11.36 -3.26 1.34
C THR B 287 11.93 -2.00 2.00
N SER B 288 11.22 -1.42 2.97
CA SER B 288 11.75 -0.25 3.65
C SER B 288 13.08 -0.56 4.35
N LEU B 289 13.21 -1.78 4.88
CA LEU B 289 14.44 -2.14 5.57
C LEU B 289 15.57 -2.35 4.57
N ALA B 290 15.28 -2.94 3.42
CA ALA B 290 16.28 -3.03 2.35
C ALA B 290 16.81 -1.65 2.00
N VAL B 291 15.92 -0.70 1.75
CA VAL B 291 16.34 0.64 1.39
C VAL B 291 17.09 1.29 2.56
N SER B 292 16.64 1.04 3.79
CA SER B 292 17.33 1.58 4.95
C SER B 292 18.80 1.21 4.99
N THR B 293 19.15 -0.03 4.60
CA THR B 293 20.56 -0.40 4.59
C THR B 293 21.35 0.41 3.58
N LEU B 294 20.71 0.83 2.49
CA LEU B 294 21.39 1.65 1.49
C LEU B 294 21.62 3.07 1.97
N LEU B 295 20.62 3.65 2.64
CA LEU B 295 20.84 4.95 3.26
C LEU B 295 21.95 4.87 4.30
N ALA B 296 21.93 3.81 5.13
CA ALA B 296 22.86 3.75 6.26
C ALA B 296 24.31 3.62 5.80
N SER B 297 24.55 2.90 4.72
CA SER B 297 25.90 2.62 4.29
C SER B 297 26.54 3.70 3.43
N GLY B 298 25.77 4.69 2.98
CA GLY B 298 26.25 5.63 1.97
C GLY B 298 25.99 5.18 0.55
N ALA B 299 25.55 3.94 0.34
CA ALA B 299 25.32 3.45 -1.01
C ALA B 299 24.19 4.20 -1.71
N TYR B 300 23.21 4.70 -0.96
CA TYR B 300 22.13 5.44 -1.60
C TYR B 300 22.68 6.72 -2.24
N ASP B 301 23.48 7.48 -1.48
CA ASP B 301 24.02 8.73 -2.02
C ASP B 301 25.02 8.46 -3.13
N ARG B 302 25.80 7.38 -3.03
CA ARG B 302 26.65 7.01 -4.16
C ARG B 302 25.83 6.73 -5.40
N HIS B 303 24.71 6.02 -5.23
CA HIS B 303 23.84 5.75 -6.36
C HIS B 303 23.25 7.03 -6.93
N LEU B 304 22.85 7.98 -6.07
CA LEU B 304 22.33 9.25 -6.57
C LEU B 304 23.38 10.00 -7.37
N ASP B 305 24.62 10.04 -6.89
CA ASP B 305 25.67 10.74 -7.63
C ASP B 305 25.80 10.15 -9.04
N ALA B 306 25.79 8.82 -9.15
CA ALA B 306 25.89 8.18 -10.46
C ALA B 306 24.67 8.46 -11.31
N PHE B 307 23.48 8.32 -10.71
CA PHE B 307 22.26 8.50 -11.48
C PHE B 307 22.09 9.94 -11.96
N ARG B 308 22.41 10.91 -11.12
CA ARG B 308 22.36 12.30 -11.56
C ARG B 308 23.29 12.53 -12.74
N ALA B 309 24.48 11.92 -12.70
CA ALA B 309 25.41 12.04 -13.82
C ALA B 309 24.85 11.36 -15.08
N GLN B 310 24.22 10.21 -14.91
CA GLN B 310 23.58 9.55 -16.04
C GLN B 310 22.47 10.41 -16.63
N LEU B 311 21.65 11.02 -15.77
CA LEU B 311 20.58 11.87 -16.26
C LEU B 311 21.14 13.12 -16.94
N ARG B 312 22.17 13.71 -16.36
CA ARG B 312 22.77 14.90 -16.97
C ARG B 312 23.28 14.59 -18.37
N ALA B 313 23.98 13.46 -18.53
CA ALA B 313 24.44 13.05 -19.84
C ALA B 313 23.27 12.95 -20.82
N ARG B 314 22.17 12.35 -20.39
CA ARG B 314 21.01 12.19 -21.26
C ARG B 314 20.35 13.52 -21.56
N ARG B 315 20.11 14.34 -20.53
CA ARG B 315 19.55 15.66 -20.76
C ARG B 315 20.36 16.43 -21.78
N ASP B 316 21.69 16.51 -21.58
CA ASP B 316 22.54 17.30 -22.45
C ASP B 316 22.56 16.75 -23.88
N ALA B 317 22.53 15.44 -24.04
CA ALA B 317 22.50 14.87 -25.38
C ALA B 317 21.21 15.28 -26.11
N LEU B 318 20.07 15.16 -25.43
CA LEU B 318 18.81 15.47 -26.06
C LEU B 318 18.71 16.95 -26.38
N VAL B 319 19.02 17.79 -25.39
CA VAL B 319 18.98 19.24 -25.61
C VAL B 319 19.95 19.64 -26.70
N GLY B 320 21.18 19.12 -26.65
CA GLY B 320 22.16 19.48 -27.66
C GLY B 320 21.71 19.11 -29.07
N ALA B 321 21.09 17.94 -29.22
CA ALA B 321 20.60 17.51 -30.52
C ALA B 321 19.40 18.32 -30.97
N LEU B 322 18.56 18.78 -30.03
CA LEU B 322 17.40 19.58 -30.41
C LEU B 322 17.80 21.01 -30.74
N ARG B 323 18.77 21.56 -30.04
CA ARG B 323 19.22 22.93 -30.30
C ARG B 323 20.04 22.93 -31.58
N VAL B 330 10.48 27.32 -31.94
CA VAL B 330 10.28 26.25 -30.95
C VAL B 330 11.19 26.52 -29.75
N GLU B 331 10.60 26.51 -28.56
CA GLU B 331 11.24 27.04 -27.36
C GLU B 331 11.43 25.96 -26.31
N LEU B 332 12.53 26.03 -25.59
CA LEU B 332 12.84 25.06 -24.54
C LEU B 332 13.59 25.76 -23.41
N ARG B 333 13.03 25.67 -22.21
CA ARG B 333 13.73 26.11 -21.00
C ARG B 333 14.42 24.88 -20.42
N THR B 334 15.76 24.85 -20.47
CA THR B 334 16.50 23.70 -19.98
C THR B 334 16.21 23.46 -18.50
N PRO B 335 15.77 22.27 -18.11
CA PRO B 335 15.47 22.02 -16.70
C PRO B 335 16.73 21.80 -15.89
N GLU B 336 16.66 22.23 -14.65
CA GLU B 336 17.75 22.05 -13.69
C GLU B 336 17.79 20.65 -13.11
N GLY B 337 16.75 19.86 -13.31
CA GLY B 337 16.68 18.53 -12.73
C GLY B 337 15.47 17.77 -13.24
N GLY B 338 15.31 16.57 -12.71
CA GLY B 338 14.21 15.71 -13.07
C GLY B 338 14.43 14.88 -14.32
N PHE B 339 13.33 14.52 -14.98
CA PHE B 339 13.33 13.56 -16.07
C PHE B 339 12.97 14.15 -17.43
N PHE B 340 12.48 15.41 -17.48
CA PHE B 340 11.71 15.89 -18.61
C PHE B 340 12.22 17.20 -19.20
N LEU B 341 12.07 17.29 -20.52
CA LEU B 341 12.15 18.55 -21.27
C LEU B 341 10.73 18.93 -21.71
N TRP B 342 10.46 20.22 -21.70
CA TRP B 342 9.16 20.77 -22.08
C TRP B 342 9.36 21.66 -23.30
N LEU B 343 8.93 21.19 -24.45
CA LEU B 343 9.09 21.94 -25.71
C LEU B 343 7.81 22.71 -25.98
N ARG B 344 7.95 23.99 -26.32
CA ARG B 344 6.83 24.86 -26.63
C ARG B 344 6.96 25.32 -28.07
N ALA B 345 5.92 25.06 -28.87
CA ALA B 345 5.86 25.63 -30.21
C ALA B 345 5.82 27.15 -30.12
N GLY B 346 6.66 27.80 -30.92
CA GLY B 346 6.68 29.25 -30.98
C GLY B 346 6.03 29.78 -32.24
N ASP B 347 5.85 28.91 -33.24
CA ASP B 347 5.34 29.33 -34.54
C ASP B 347 3.85 29.06 -34.73
N GLY B 348 3.16 28.51 -33.73
CA GLY B 348 1.74 28.27 -33.83
C GLY B 348 1.35 26.87 -34.28
N ALA B 349 2.32 25.97 -34.48
CA ALA B 349 2.00 24.60 -34.84
C ALA B 349 1.14 23.95 -33.76
N ASP B 350 0.09 23.25 -34.17
CA ASP B 350 -0.80 22.64 -33.19
C ASP B 350 -0.26 21.29 -32.73
N GLU B 351 -0.73 20.87 -31.56
CA GLU B 351 -0.24 19.66 -30.92
C GLU B 351 -0.45 18.43 -31.81
N ARG B 352 -1.58 18.34 -32.49
CA ARG B 352 -1.86 17.16 -33.29
C ARG B 352 -0.84 17.03 -34.42
N GLU B 353 -0.54 18.14 -35.10
CA GLU B 353 0.45 18.10 -36.18
C GLU B 353 1.82 17.68 -35.65
N LEU B 354 2.22 18.20 -34.49
CA LEU B 354 3.52 17.82 -33.92
C LEU B 354 3.52 16.35 -33.53
N LEU B 355 2.41 15.85 -32.97
CA LEU B 355 2.33 14.44 -32.62
C LEU B 355 2.31 13.57 -33.88
N ASP B 356 1.62 14.01 -34.94
CA ASP B 356 1.67 13.28 -36.20
C ASP B 356 3.10 13.19 -36.70
N GLY B 357 3.88 14.28 -36.53
CA GLY B 357 5.28 14.23 -36.93
C GLY B 357 6.07 13.22 -36.13
N ALA B 358 5.83 13.16 -34.81
CA ALA B 358 6.50 12.17 -33.98
C ALA B 358 6.17 10.75 -34.46
N ALA B 359 4.91 10.50 -34.78
CA ALA B 359 4.53 9.19 -35.31
C ALA B 359 5.30 8.88 -36.60
N ARG B 360 5.41 9.86 -37.50
CA ARG B 360 6.19 9.64 -38.71
C ARG B 360 7.64 9.29 -38.37
N ALA B 361 8.17 9.92 -37.34
CA ALA B 361 9.55 9.70 -36.91
C ALA B 361 9.75 8.40 -36.12
N GLY B 362 8.68 7.66 -35.82
CA GLY B 362 8.80 6.50 -34.96
C GLY B 362 9.18 6.83 -33.52
N VAL B 363 8.75 7.98 -33.01
CA VAL B 363 9.13 8.44 -31.67
C VAL B 363 7.85 8.69 -30.89
N ARG B 364 7.80 8.21 -29.66
CA ARG B 364 6.68 8.50 -28.78
C ARG B 364 7.06 9.65 -27.84
N ILE B 365 6.21 10.66 -27.77
CA ILE B 365 6.35 11.77 -26.83
C ILE B 365 5.01 11.92 -26.11
N ALA B 366 4.97 12.84 -25.14
CA ALA B 366 3.78 13.04 -24.32
C ALA B 366 3.12 14.35 -24.68
N ALA B 367 1.86 14.28 -25.11
CA ALA B 367 1.11 15.48 -25.43
C ALA B 367 0.96 16.38 -24.21
N GLY B 368 1.21 17.68 -24.40
CA GLY B 368 1.05 18.64 -23.31
C GLY B 368 -0.38 18.70 -22.79
N SER B 369 -1.38 18.48 -23.65
CA SER B 369 -2.76 18.56 -23.20
C SER B 369 -3.13 17.48 -22.18
N ARG B 370 -2.31 16.44 -22.04
CA ARG B 370 -2.55 15.47 -20.98
C ARG B 370 -2.43 16.10 -19.61
N PHE B 371 -1.66 17.19 -19.50
CA PHE B 371 -1.36 17.78 -18.21
C PHE B 371 -2.22 18.99 -17.89
N GLY B 372 -2.92 19.54 -18.87
CA GLY B 372 -3.77 20.69 -18.67
C GLY B 372 -3.64 21.72 -19.75
N THR B 373 -3.82 23.00 -19.39
CA THR B 373 -3.96 24.09 -20.35
C THR B 373 -2.60 24.71 -20.67
N THR B 374 -2.33 24.89 -21.96
CA THR B 374 -1.03 25.33 -22.43
C THR B 374 -1.15 26.66 -23.19
N GLN B 375 -0.05 27.41 -23.20
CA GLN B 375 0.13 28.56 -24.09
C GLN B 375 0.57 28.00 -25.45
N GLY B 376 -0.40 27.75 -26.34
CA GLY B 376 -0.04 27.07 -27.56
C GLY B 376 0.31 25.62 -27.24
N ALA B 377 0.97 24.97 -28.21
CA ALA B 377 1.25 23.55 -28.07
C ALA B 377 2.46 23.33 -27.18
N GLY B 378 2.35 22.36 -26.29
CA GLY B 378 3.48 21.91 -25.49
C GLY B 378 3.65 20.40 -25.58
N LEU B 379 4.90 19.97 -25.52
CA LEU B 379 5.23 18.56 -25.61
C LEU B 379 6.24 18.21 -24.51
N ARG B 380 5.99 17.11 -23.80
CA ARG B 380 6.91 16.62 -22.79
C ARG B 380 7.74 15.50 -23.41
N LEU B 381 9.06 15.65 -23.36
CA LEU B 381 9.99 14.61 -23.79
C LEU B 381 10.80 14.16 -22.59
N ALA B 382 10.80 12.85 -22.32
CA ALA B 382 11.60 12.30 -21.24
C ALA B 382 13.01 11.96 -21.73
N PHE B 383 14.01 12.28 -20.92
CA PHE B 383 15.37 11.83 -21.19
C PHE B 383 15.84 10.74 -20.22
N SER B 384 14.94 10.23 -19.39
CA SER B 384 15.32 9.30 -18.33
C SER B 384 15.38 7.84 -18.76
N PHE B 385 14.80 7.48 -19.91
CA PHE B 385 14.48 6.11 -20.25
C PHE B 385 15.36 5.54 -21.35
N ASN B 386 16.26 6.34 -21.92
CA ASN B 386 17.07 5.95 -23.06
C ASN B 386 18.47 6.50 -22.91
N PRO B 387 19.45 5.83 -23.50
CA PRO B 387 20.83 6.33 -23.45
C PRO B 387 21.02 7.52 -24.39
N PRO B 388 22.10 8.28 -24.21
CA PRO B 388 22.31 9.49 -25.05
C PRO B 388 22.21 9.25 -26.54
N ALA B 389 22.80 8.17 -27.05
CA ALA B 389 22.81 7.93 -28.50
C ALA B 389 21.40 7.78 -29.05
N LEU B 390 20.51 7.12 -28.31
CA LEU B 390 19.14 6.93 -28.80
C LEU B 390 18.36 8.21 -28.69
N LEU B 391 18.60 8.99 -27.63
CA LEU B 391 17.96 10.30 -27.53
C LEU B 391 18.36 11.21 -28.69
N GLU B 392 19.63 11.14 -29.11
CA GLU B 392 20.07 11.94 -30.25
C GLU B 392 19.40 11.47 -31.54
N GLN B 393 19.27 10.15 -31.71
CA GLN B 393 18.53 9.63 -32.86
C GLN B 393 17.09 10.12 -32.86
N ALA B 394 16.42 10.03 -31.71
CA ALA B 394 15.04 10.50 -31.61
C ALA B 394 14.94 11.97 -31.97
N ALA B 395 15.86 12.79 -31.44
CA ALA B 395 15.85 14.21 -31.74
C ALA B 395 16.06 14.46 -33.23
N LYS B 396 16.94 13.68 -33.87
CA LYS B 396 17.17 13.87 -35.29
C LYS B 396 15.92 13.51 -36.09
N ARG B 397 15.26 12.41 -35.74
CA ARG B 397 14.07 11.99 -36.48
C ARG B 397 12.93 12.97 -36.27
N LEU B 398 12.76 13.47 -35.03
CA LEU B 398 11.70 14.42 -34.74
C LEU B 398 11.89 15.71 -35.54
N THR B 399 13.11 16.23 -35.57
CA THR B 399 13.35 17.50 -36.24
C THR B 399 13.23 17.34 -37.75
N THR B 400 13.61 16.18 -38.28
CA THR B 400 13.36 15.91 -39.70
C THR B 400 11.86 15.92 -39.99
N ALA B 401 11.08 15.23 -39.16
CA ALA B 401 9.64 15.17 -39.40
C ALA B 401 8.99 16.53 -39.23
N TRP B 402 9.40 17.29 -38.22
CA TRP B 402 8.80 18.60 -38.00
C TRP B 402 9.26 19.63 -39.01
N SER B 403 10.41 19.42 -39.65
CA SER B 403 10.93 20.36 -40.65
C SER B 403 9.87 20.71 -41.69
#